data_8U7H
#
_entry.id   8U7H
#
_cell.length_a   1.00
_cell.length_b   1.00
_cell.length_c   1.00
_cell.angle_alpha   90.00
_cell.angle_beta   90.00
_cell.angle_gamma   90.00
#
_symmetry.space_group_name_H-M   'P 1'
#
loop_
_entity.id
_entity.type
_entity.pdbx_description
1 polymer 'non-specific serine/threonine protein kinase'
2 non-polymer "GUANOSINE-5'-DIPHOSPHATE"
3 non-polymer [4-[[4-(ethylamino)-5-(trifluoromethyl)pyrimidin-2-yl]amino]-2-fluoranyl-5-methoxy-phenyl]-morpholin-4-yl-methanone
#
_entity_poly.entity_id   1
_entity_poly.type   'polypeptide(L)'
_entity_poly.pdbx_seq_one_letter_code
;KKAVPYNRMKLMIVGNTGSGKTTLLQQLMKTKKSDLGMQSATVGIDVKDWPIQIRDKRKRDLVLNVWDFAGREEFYSTHP
HFMTQRALYLAVYDLSKGQAEVDAMKPWLFNIKARASSSPVILVGTHLDVSDEKQRKACMSKITKELLNKRGFPAIRDYH
FVNATEESDALAKLRKTIINESLNFKIRDQLVVGQLIPDCYVELEKIILSERKNVPIEFPVIDRKRLLQLVRENQLQLDE
NELPHAVHFLNESGVLLHFQDPALQLSDLYFVEPKWLCKIMAQILTVKVEGCPKHPKGIISRRDVEKFLSKKRKFPKNYM
TQYFKLLEKFQIALPIGEEYLLVPSSLSDHRPVIELPHCENSEIIIRLYEMPYFPMGFWSRLINRLLEISPYMLSGRERA
LRPNRRYWRQGIYLNWSPEAYCLVGSEVLDNHPESFLKITVPSCRKGCILLGQVVDHIDSLMEEWFPGLLEIDICGEGET
LLKKWALYSFNDGEEHQKILLDDLMKKAEEGDLLVNPDQPRLTIPISQIAPDLILADLPRNIMLNNDELEFEQAPEFLLG
DGSFGSVYRAAYEGEEVAVKIFNKHTSLRLLRQELVVLCHLHHPSLISLLAAGIRPRMLVMELASKGSLDRLLQQDKASL
TRTLQHRIALHVADGLRYLHSAMIIYRDLKPHNVLLFTLYPNAAIIAKIADYGIAQYCCRMGIKTSEGTPGFRAPEVARG
NVIYNQQADVYSFGLLLYDILTTGGRIVEGLKFPNEFDELEIQGKLPDPVKEYGCAPWPMVEKLIKQCLKENPQERPTSA
QVFDILNSAELVCLTRRILLPKNVIVECMVATHHNSRNASIWLGCGHTDRGQLSFLDLNTEGYTSEEVADSRILCLALVH
LPVEKESWIVSGTQSGTLLVINTEDGKKRHTLEKMTDSVTCLYCNSFSKQSKQKNFLLVGTADGKLAIFEDKTVKLKGAA
PLKILNIGNVSTPLMCLSESTNSTERNVMWGGCGTKIFSFSNDFTIQKLIETRTSQLFSYAAFSDSNIITVVVDTALYIA
KQNSPVVEVWDKKTEKLCGLIDCVHFLREVTVKENKESKHKTSYSGRVKTLCLQKNTALWIGTGGGHILLLDLSTRRLIR
VIYNFCNSVRVMMTAQLGSLKNVMLVLGYNRKNTEGTQKQKEIQSCLTVWDINLPHEVQNLEKHIEVRKELAEKMRRTSV
E
;
_entity_poly.pdbx_strand_id   C
#
# COMPACT_ATOMS: atom_id res chain seq x y z
N ALA A 3 -30.78 -17.38 -20.72
CA ALA A 3 -31.83 -16.37 -20.70
C ALA A 3 -33.10 -16.89 -20.02
N VAL A 4 -33.03 -17.06 -18.70
CA VAL A 4 -34.16 -17.61 -17.95
C VAL A 4 -34.90 -16.48 -17.26
N PRO A 5 -36.20 -16.63 -16.98
CA PRO A 5 -36.91 -15.60 -16.22
C PRO A 5 -36.72 -15.77 -14.72
N TYR A 6 -36.48 -14.65 -14.03
CA TYR A 6 -36.24 -14.64 -12.60
C TYR A 6 -37.15 -13.60 -11.98
N ASN A 7 -38.09 -14.05 -11.13
CA ASN A 7 -39.12 -13.20 -10.55
C ASN A 7 -39.07 -13.32 -9.02
N ARG A 8 -38.25 -12.48 -8.38
CA ARG A 8 -38.17 -12.47 -6.93
C ARG A 8 -37.71 -11.09 -6.48
N MET A 9 -38.65 -10.28 -6.02
CA MET A 9 -38.35 -8.95 -5.53
C MET A 9 -38.24 -8.98 -4.00
N LYS A 10 -37.68 -7.91 -3.46
CA LYS A 10 -37.43 -7.81 -2.02
C LYS A 10 -38.27 -6.68 -1.42
N LEU A 11 -38.81 -6.92 -0.23
CA LEU A 11 -39.68 -5.98 0.45
C LEU A 11 -39.03 -5.57 1.77
N MET A 12 -39.16 -4.29 2.13
CA MET A 12 -38.53 -3.75 3.33
C MET A 12 -39.57 -2.93 4.09
N ILE A 13 -40.34 -3.59 4.95
CA ILE A 13 -41.32 -2.88 5.77
C ILE A 13 -40.57 -2.23 6.94
N VAL A 14 -40.30 -0.93 6.83
CA VAL A 14 -39.60 -0.21 7.88
C VAL A 14 -40.60 0.24 8.95
N GLY A 15 -40.77 -0.59 9.98
CA GLY A 15 -41.82 -0.38 10.94
C GLY A 15 -41.40 0.11 12.29
N ASN A 16 -41.84 1.32 12.67
CA ASN A 16 -41.53 1.89 13.97
C ASN A 16 -42.10 1.03 15.10
N THR A 17 -41.59 1.26 16.31
CA THR A 17 -42.04 0.51 17.47
C THR A 17 -43.52 0.77 17.74
N GLY A 18 -44.19 -0.26 18.24
CA GLY A 18 -45.60 -0.16 18.58
C GLY A 18 -46.55 -0.11 17.39
N SER A 19 -46.03 0.19 16.20
CA SER A 19 -46.84 0.33 15.01
C SER A 19 -47.36 -1.00 14.47
N GLY A 20 -46.90 -2.13 15.00
CA GLY A 20 -47.42 -3.40 14.56
C GLY A 20 -47.01 -3.83 13.17
N LYS A 21 -45.80 -3.45 12.74
CA LYS A 21 -45.28 -3.90 11.44
C LYS A 21 -45.28 -5.42 11.35
N THR A 22 -44.81 -6.09 12.41
CA THR A 22 -44.87 -7.54 12.46
C THR A 22 -46.32 -8.03 12.44
N THR A 23 -47.21 -7.32 13.15
CA THR A 23 -48.61 -7.72 13.18
C THR A 23 -49.25 -7.58 11.81
N LEU A 24 -49.01 -6.46 11.13
CA LEU A 24 -49.54 -6.26 9.79
C LEU A 24 -48.97 -7.29 8.81
N LEU A 25 -47.68 -7.62 8.96
CA LEU A 25 -47.09 -8.63 8.08
C LEU A 25 -47.72 -10.00 8.33
N GLN A 26 -47.95 -10.35 9.59
CA GLN A 26 -48.58 -11.63 9.91
C GLN A 26 -49.99 -11.69 9.36
N GLN A 27 -50.77 -10.62 9.52
CA GLN A 27 -52.12 -10.60 8.98
C GLN A 27 -52.13 -10.57 7.47
N LEU A 28 -51.04 -10.12 6.84
CA LEU A 28 -50.95 -10.04 5.39
C LEU A 28 -50.46 -11.34 4.77
N MET A 29 -49.71 -12.15 5.51
CA MET A 29 -49.05 -13.33 4.94
C MET A 29 -49.79 -14.62 5.22
N LYS A 30 -50.97 -14.57 5.83
CA LYS A 30 -51.76 -15.78 6.04
C LYS A 30 -52.61 -16.09 4.80
N MET A 38 -47.13 -13.93 21.66
CA MET A 38 -45.99 -14.47 20.95
C MET A 38 -45.24 -13.37 20.21
N GLN A 39 -45.98 -12.37 19.72
CA GLN A 39 -45.39 -11.23 19.02
C GLN A 39 -44.89 -10.18 19.99
N SER A 40 -43.96 -10.61 20.87
CA SER A 40 -43.42 -9.73 21.90
C SER A 40 -42.72 -8.52 21.28
N ALA A 41 -41.67 -8.76 20.51
CA ALA A 41 -40.89 -7.73 19.84
C ALA A 41 -39.92 -8.39 18.89
N THR A 42 -39.42 -7.60 17.94
CA THR A 42 -38.40 -8.03 16.99
C THR A 42 -37.06 -7.45 17.43
N VAL A 43 -36.14 -8.31 17.85
CA VAL A 43 -34.79 -7.88 18.21
C VAL A 43 -33.95 -7.90 16.93
N GLY A 44 -34.03 -6.80 16.19
CA GLY A 44 -33.36 -6.69 14.92
C GLY A 44 -34.23 -7.09 13.76
N ILE A 45 -33.62 -7.07 12.58
CA ILE A 45 -34.31 -7.51 11.37
C ILE A 45 -34.66 -8.99 11.52
N ASP A 46 -35.74 -9.41 10.86
CA ASP A 46 -36.16 -10.81 10.90
C ASP A 46 -36.76 -11.14 9.53
N VAL A 47 -35.93 -11.70 8.66
CA VAL A 47 -36.27 -11.85 7.25
C VAL A 47 -37.13 -13.10 7.08
N LYS A 48 -38.12 -13.01 6.19
CA LYS A 48 -38.96 -14.16 5.82
C LYS A 48 -39.23 -14.11 4.33
N ASP A 49 -39.74 -15.22 3.80
CA ASP A 49 -40.23 -15.28 2.43
C ASP A 49 -41.75 -15.16 2.43
N TRP A 50 -42.31 -15.01 1.23
CA TRP A 50 -43.76 -14.84 1.11
C TRP A 50 -44.24 -15.18 -0.29
N PRO A 51 -44.55 -16.45 -0.56
CA PRO A 51 -44.97 -16.82 -1.91
C PRO A 51 -46.40 -16.39 -2.19
N ILE A 52 -46.66 -15.98 -3.44
CA ILE A 52 -48.00 -15.62 -3.88
C ILE A 52 -48.09 -15.86 -5.38
N GLN A 53 -49.31 -16.06 -5.87
CA GLN A 53 -49.58 -16.25 -7.29
C GLN A 53 -50.67 -15.26 -7.71
N ILE A 54 -50.31 -14.30 -8.58
CA ILE A 54 -51.25 -13.27 -8.99
C ILE A 54 -52.39 -13.88 -9.81
N ARG A 55 -53.47 -13.10 -9.95
CA ARG A 55 -54.67 -13.60 -10.62
C ARG A 55 -54.44 -13.86 -12.10
N ASP A 56 -53.56 -13.09 -12.75
CA ASP A 56 -53.27 -13.29 -14.16
C ASP A 56 -52.65 -14.67 -14.39
N LYS A 57 -53.06 -15.32 -15.48
CA LYS A 57 -52.57 -16.66 -15.79
C LYS A 57 -51.09 -16.66 -16.11
N ARG A 58 -50.63 -15.72 -16.93
CA ARG A 58 -49.23 -15.62 -17.31
C ARG A 58 -48.40 -14.82 -16.32
N LYS A 59 -49.00 -14.40 -15.19
CA LYS A 59 -48.28 -13.63 -14.18
C LYS A 59 -47.12 -14.44 -13.61
N ARG A 60 -45.92 -13.85 -13.65
CA ARG A 60 -44.74 -14.49 -13.10
C ARG A 60 -44.93 -14.82 -11.63
N ASP A 61 -44.27 -15.89 -11.18
CA ASP A 61 -44.37 -16.30 -9.79
C ASP A 61 -43.69 -15.26 -8.90
N LEU A 62 -44.51 -14.46 -8.21
CA LEU A 62 -44.01 -13.38 -7.37
C LEU A 62 -43.79 -13.92 -5.96
N VAL A 63 -42.53 -13.98 -5.54
CA VAL A 63 -42.18 -14.26 -4.15
C VAL A 63 -41.38 -13.09 -3.60
N LEU A 64 -41.83 -12.55 -2.48
CA LEU A 64 -41.29 -11.31 -1.92
C LEU A 64 -40.39 -11.66 -0.75
N ASN A 65 -39.09 -11.46 -0.93
CA ASN A 65 -38.12 -11.64 0.16
C ASN A 65 -38.34 -10.50 1.15
N VAL A 66 -39.07 -10.78 2.23
CA VAL A 66 -39.60 -9.75 3.12
C VAL A 66 -38.68 -9.58 4.31
N TRP A 67 -38.38 -8.33 4.67
CA TRP A 67 -37.53 -8.01 5.82
C TRP A 67 -38.36 -7.21 6.81
N ASP A 68 -38.67 -7.80 7.96
CA ASP A 68 -39.55 -7.19 8.96
C ASP A 68 -38.74 -6.31 9.92
N PHE A 69 -38.17 -5.25 9.34
CA PHE A 69 -37.28 -4.31 10.01
C PHE A 69 -37.76 -3.91 11.40
N ALA A 70 -36.86 -4.00 12.38
CA ALA A 70 -37.14 -3.58 13.74
C ALA A 70 -37.06 -2.06 13.85
N GLY A 71 -37.78 -1.50 14.81
CA GLY A 71 -38.00 -0.07 14.80
C GLY A 71 -37.69 0.66 16.10
N ARG A 72 -37.20 -0.03 17.11
CA ARG A 72 -36.68 0.65 18.28
C ARG A 72 -35.46 1.49 17.88
N GLU A 73 -35.33 2.65 18.51
CA GLU A 73 -34.28 3.60 18.11
C GLU A 73 -32.87 3.03 18.30
N GLU A 74 -32.67 2.20 19.33
CA GLU A 74 -31.35 1.67 19.64
C GLU A 74 -30.72 0.94 18.46
N PHE A 75 -31.54 0.29 17.64
CA PHE A 75 -31.04 -0.50 16.52
C PHE A 75 -30.66 0.36 15.31
N TYR A 76 -31.04 1.64 15.30
CA TYR A 76 -31.07 2.41 14.07
C TYR A 76 -29.68 2.49 13.45
N SER A 77 -28.64 2.56 14.28
CA SER A 77 -27.29 2.82 13.79
C SER A 77 -26.84 1.73 12.83
N THR A 78 -27.38 0.52 12.94
CA THR A 78 -26.93 -0.57 12.08
C THR A 78 -27.91 -0.85 10.94
N HIS A 79 -29.04 -0.12 10.90
CA HIS A 79 -30.02 -0.38 9.85
C HIS A 79 -29.52 -0.03 8.45
N PRO A 80 -29.08 1.24 8.14
CA PRO A 80 -28.87 1.65 6.74
C PRO A 80 -27.99 0.75 5.88
N HIS A 81 -27.11 -0.03 6.50
CA HIS A 81 -26.23 -0.91 5.73
C HIS A 81 -26.98 -2.06 5.07
N PHE A 82 -28.25 -2.27 5.38
CA PHE A 82 -29.05 -3.31 4.76
C PHE A 82 -30.10 -2.77 3.79
N MET A 83 -30.54 -1.53 3.97
CA MET A 83 -31.45 -0.90 3.02
C MET A 83 -30.71 -0.66 1.69
N THR A 84 -31.02 -1.46 0.69
CA THR A 84 -30.42 -1.36 -0.63
C THR A 84 -31.50 -1.05 -1.66
N GLN A 85 -31.06 -0.83 -2.90
CA GLN A 85 -31.99 -0.58 -3.99
C GLN A 85 -32.68 -1.89 -4.38
N ARG A 86 -33.51 -1.81 -5.43
CA ARG A 86 -34.26 -2.95 -5.95
C ARG A 86 -35.15 -3.56 -4.87
N ALA A 87 -36.00 -2.71 -4.30
CA ALA A 87 -36.85 -3.09 -3.19
C ALA A 87 -37.90 -2.03 -2.95
N LEU A 88 -39.11 -2.47 -2.59
CA LEU A 88 -40.26 -1.60 -2.37
C LEU A 88 -40.43 -1.37 -0.87
N TYR A 89 -40.04 -0.19 -0.39
CA TYR A 89 -40.08 0.11 1.03
C TYR A 89 -41.49 0.55 1.43
N LEU A 90 -42.11 -0.19 2.34
CA LEU A 90 -43.33 0.27 3.02
C LEU A 90 -42.98 1.30 4.08
N ALA A 91 -43.98 1.65 4.90
CA ALA A 91 -43.80 2.42 6.13
C ALA A 91 -45.06 2.26 6.96
N VAL A 92 -44.90 2.20 8.29
CA VAL A 92 -46.00 1.87 9.19
C VAL A 92 -45.93 2.83 10.37
N TYR A 93 -46.96 3.68 10.53
CA TYR A 93 -47.08 4.55 11.68
C TYR A 93 -48.51 4.47 12.22
N ASP A 94 -48.64 4.43 13.54
CA ASP A 94 -49.96 4.32 14.13
C ASP A 94 -50.75 5.61 13.90
N LEU A 95 -52.07 5.50 13.99
CA LEU A 95 -52.95 6.65 13.87
C LEU A 95 -53.64 7.03 15.18
N SER A 96 -53.54 6.20 16.21
CA SER A 96 -54.05 6.58 17.52
C SER A 96 -53.27 7.75 18.14
N LYS A 97 -52.02 7.95 17.70
CA LYS A 97 -51.23 9.08 18.17
C LYS A 97 -51.65 10.38 17.50
N GLY A 98 -51.97 10.34 16.21
CA GLY A 98 -52.43 11.52 15.51
C GLY A 98 -51.35 12.13 14.65
N GLN A 99 -51.41 13.46 14.46
CA GLN A 99 -50.44 14.17 13.63
C GLN A 99 -49.01 14.09 14.17
N ALA A 100 -48.81 13.61 15.40
CA ALA A 100 -47.46 13.46 15.92
C ALA A 100 -46.78 12.20 15.38
N GLU A 101 -47.55 11.14 15.15
CA GLU A 101 -46.96 9.88 14.70
C GLU A 101 -46.33 10.02 13.32
N VAL A 102 -46.98 10.76 12.42
CA VAL A 102 -46.40 10.95 11.10
C VAL A 102 -45.15 11.82 11.17
N ASP A 103 -45.13 12.80 12.08
CA ASP A 103 -43.92 13.59 12.29
C ASP A 103 -42.79 12.72 12.80
N ALA A 104 -43.09 11.77 13.68
CA ALA A 104 -42.07 10.85 14.17
C ALA A 104 -41.64 9.85 13.11
N MET A 105 -42.54 9.51 12.17
CA MET A 105 -42.16 8.66 11.06
C MET A 105 -41.37 9.39 9.98
N LYS A 106 -41.48 10.72 9.92
CA LYS A 106 -40.75 11.51 8.94
C LYS A 106 -39.25 11.22 8.87
N PRO A 107 -38.50 11.05 9.98
CA PRO A 107 -37.07 10.70 9.84
C PRO A 107 -36.83 9.44 9.03
N TRP A 108 -37.69 8.43 9.14
CA TRP A 108 -37.51 7.20 8.39
C TRP A 108 -37.62 7.46 6.89
N LEU A 109 -38.64 8.22 6.49
CA LEU A 109 -38.79 8.56 5.07
C LEU A 109 -37.63 9.41 4.58
N PHE A 110 -37.18 10.36 5.40
CA PHE A 110 -36.02 11.17 5.04
C PHE A 110 -34.76 10.33 4.85
N ASN A 111 -34.58 9.30 5.70
CA ASN A 111 -33.44 8.40 5.54
C ASN A 111 -33.56 7.55 4.29
N ILE A 112 -34.77 7.03 4.02
CA ILE A 112 -35.00 6.34 2.75
C ILE A 112 -34.68 7.25 1.57
N LYS A 113 -35.01 8.54 1.69
CA LYS A 113 -34.87 9.47 0.58
C LYS A 113 -33.44 9.60 0.10
N ALA A 114 -32.47 9.18 0.92
CA ALA A 114 -31.06 9.28 0.59
C ALA A 114 -30.37 7.95 0.46
N ARG A 115 -30.76 6.94 1.26
CA ARG A 115 -30.14 5.62 1.14
C ARG A 115 -30.48 4.96 -0.19
N ALA A 116 -31.72 5.12 -0.64
CA ALA A 116 -32.12 4.64 -1.96
C ALA A 116 -33.30 5.49 -2.41
N SER A 117 -33.10 6.31 -3.44
CA SER A 117 -34.15 7.21 -3.90
C SER A 117 -34.72 6.81 -5.26
N SER A 118 -34.23 5.72 -5.85
CA SER A 118 -34.84 5.16 -7.04
C SER A 118 -35.82 4.02 -6.72
N SER A 119 -36.16 3.86 -5.44
CA SER A 119 -37.00 2.76 -4.99
C SER A 119 -38.39 3.27 -4.64
N PRO A 120 -39.45 2.75 -5.25
CA PRO A 120 -40.80 3.23 -4.93
C PRO A 120 -41.15 2.98 -3.47
N VAL A 121 -42.00 3.85 -2.94
CA VAL A 121 -42.31 3.87 -1.51
C VAL A 121 -43.83 3.91 -1.34
N ILE A 122 -44.39 2.81 -0.84
CA ILE A 122 -45.78 2.82 -0.39
C ILE A 122 -45.81 3.33 1.05
N LEU A 123 -46.98 3.71 1.54
CA LEU A 123 -47.11 4.31 2.86
C LEU A 123 -48.47 3.93 3.42
N VAL A 124 -48.47 3.16 4.51
CA VAL A 124 -49.69 2.56 5.04
C VAL A 124 -49.80 2.87 6.53
N GLY A 125 -50.94 3.44 6.92
CA GLY A 125 -51.26 3.55 8.33
C GLY A 125 -51.59 2.20 8.94
N THR A 126 -51.87 2.23 10.24
CA THR A 126 -52.26 1.02 10.95
C THR A 126 -53.22 1.36 12.08
N HIS A 127 -54.00 0.34 12.47
CA HIS A 127 -54.91 0.41 13.61
C HIS A 127 -55.98 1.49 13.43
N LEU A 128 -56.71 1.41 12.31
CA LEU A 128 -57.76 2.36 12.03
C LEU A 128 -58.97 2.25 12.95
N ASP A 129 -58.99 1.26 13.86
CA ASP A 129 -60.12 1.11 14.78
C ASP A 129 -60.26 2.28 15.73
N VAL A 130 -59.15 2.93 16.09
CA VAL A 130 -59.17 4.07 16.99
C VAL A 130 -58.57 5.31 16.33
N SER A 131 -58.72 5.42 15.02
CA SER A 131 -58.04 6.44 14.25
C SER A 131 -58.95 7.64 13.99
N ASP A 132 -58.30 8.79 13.78
CA ASP A 132 -58.96 10.01 13.28
C ASP A 132 -58.32 10.35 11.94
N GLU A 133 -58.86 9.76 10.86
CA GLU A 133 -58.21 9.86 9.56
C GLU A 133 -58.33 11.25 8.97
N LYS A 134 -59.42 11.96 9.27
CA LYS A 134 -59.70 13.27 8.66
C LYS A 134 -58.56 14.26 8.93
N GLN A 135 -58.03 14.26 10.16
CA GLN A 135 -56.97 15.19 10.51
C GLN A 135 -55.67 14.84 9.79
N ARG A 136 -55.21 13.59 9.97
CA ARG A 136 -53.91 13.20 9.45
C ARG A 136 -53.88 13.13 7.93
N LYS A 137 -55.04 13.05 7.28
CA LYS A 137 -55.07 12.93 5.82
C LYS A 137 -54.49 14.18 5.15
N ALA A 138 -54.76 15.35 5.70
CA ALA A 138 -54.26 16.59 5.13
C ALA A 138 -52.73 16.62 5.13
N CYS A 139 -52.12 16.32 6.29
CA CYS A 139 -50.66 16.32 6.35
C CYS A 139 -50.05 15.18 5.55
N MET A 140 -50.75 14.04 5.46
CA MET A 140 -50.26 12.95 4.64
C MET A 140 -50.22 13.34 3.17
N SER A 141 -51.26 14.06 2.71
CA SER A 141 -51.23 14.58 1.34
C SER A 141 -50.14 15.64 1.19
N LYS A 142 -49.95 16.47 2.20
CA LYS A 142 -48.90 17.49 2.16
C LYS A 142 -47.50 16.89 2.17
N ILE A 143 -47.35 15.63 2.57
CA ILE A 143 -46.04 14.98 2.52
C ILE A 143 -45.58 14.84 1.07
N THR A 144 -46.48 14.38 0.20
CA THR A 144 -46.16 14.16 -1.21
C THR A 144 -45.78 15.46 -1.92
N GLY A 152 -35.21 15.43 -0.48
CA GLY A 152 -36.56 15.60 0.03
C GLY A 152 -37.34 14.31 0.09
N PHE A 153 -38.51 14.38 0.72
CA PHE A 153 -39.40 13.23 0.89
C PHE A 153 -39.66 12.54 -0.45
N PRO A 154 -39.39 11.23 -0.55
CA PRO A 154 -39.42 10.58 -1.87
C PRO A 154 -40.83 10.34 -2.38
N ALA A 155 -40.94 9.65 -3.52
CA ALA A 155 -42.20 9.49 -4.24
C ALA A 155 -43.11 8.50 -3.50
N ILE A 156 -43.83 9.01 -2.50
CA ILE A 156 -44.79 8.19 -1.77
C ILE A 156 -46.00 7.99 -2.67
N ARG A 157 -46.07 6.82 -3.32
CA ARG A 157 -47.02 6.61 -4.40
C ARG A 157 -48.46 6.75 -3.93
N ASP A 158 -48.88 5.91 -2.99
CA ASP A 158 -50.28 5.84 -2.62
C ASP A 158 -50.44 5.53 -1.14
N TYR A 159 -51.09 6.42 -0.39
CA TYR A 159 -51.46 6.10 0.98
C TYR A 159 -52.51 5.00 0.96
N HIS A 160 -52.45 4.11 1.95
CA HIS A 160 -53.36 2.97 1.98
C HIS A 160 -53.84 2.66 3.39
N PHE A 161 -54.23 3.70 4.13
CA PHE A 161 -54.74 3.61 5.50
C PHE A 161 -55.71 2.44 5.67
N VAL A 162 -55.39 1.53 6.59
CA VAL A 162 -56.04 0.22 6.64
C VAL A 162 -56.26 -0.17 8.11
N ASN A 163 -56.89 -1.34 8.29
CA ASN A 163 -57.30 -1.83 9.59
C ASN A 163 -56.13 -2.43 10.36
N ALA A 164 -56.43 -3.00 11.52
CA ALA A 164 -55.40 -3.48 12.44
C ALA A 164 -55.09 -4.96 12.25
N THR A 165 -56.09 -5.83 12.46
CA THR A 165 -55.86 -7.28 12.45
C THR A 165 -56.88 -8.06 11.62
N GLU A 166 -58.07 -7.52 11.35
CA GLU A 166 -59.10 -8.28 10.64
C GLU A 166 -58.81 -8.26 9.14
N GLU A 167 -59.77 -8.73 8.34
CA GLU A 167 -59.61 -8.79 6.89
C GLU A 167 -60.66 -7.87 6.26
N SER A 168 -60.32 -6.58 6.19
CA SER A 168 -61.17 -5.58 5.55
C SER A 168 -60.32 -4.56 4.80
N ASP A 169 -59.11 -4.92 4.42
CA ASP A 169 -58.15 -4.02 3.79
C ASP A 169 -57.80 -4.53 2.41
N ALA A 170 -57.90 -3.66 1.41
CA ALA A 170 -57.47 -3.95 0.05
C ALA A 170 -55.96 -3.85 -0.13
N LEU A 171 -55.19 -3.86 0.97
CA LEU A 171 -53.74 -3.70 0.97
C LEU A 171 -53.03 -4.76 0.13
N ALA A 172 -53.72 -5.84 -0.27
CA ALA A 172 -53.18 -6.78 -1.25
C ALA A 172 -52.90 -6.13 -2.60
N LYS A 173 -53.37 -4.90 -2.82
CA LYS A 173 -52.93 -4.07 -3.95
C LYS A 173 -51.42 -3.96 -4.02
N LEU A 174 -50.71 -4.18 -2.90
CA LEU A 174 -49.27 -4.38 -2.89
C LEU A 174 -48.84 -5.29 -4.02
N ARG A 175 -49.35 -6.52 -4.02
CA ARG A 175 -49.17 -7.45 -5.13
C ARG A 175 -49.41 -6.75 -6.45
N LYS A 176 -50.62 -6.19 -6.61
CA LYS A 176 -50.97 -5.36 -7.76
C LYS A 176 -49.84 -4.37 -8.04
N THR A 177 -49.55 -3.52 -7.06
CA THR A 177 -48.47 -2.55 -7.17
C THR A 177 -47.21 -3.20 -7.70
N ILE A 178 -46.72 -4.24 -7.01
CA ILE A 178 -45.41 -4.76 -7.35
C ILE A 178 -45.44 -5.39 -8.75
N ILE A 179 -46.57 -6.00 -9.15
CA ILE A 179 -46.55 -6.61 -10.47
C ILE A 179 -46.54 -5.51 -11.53
N ASN A 180 -47.21 -4.38 -11.27
CA ASN A 180 -46.96 -3.19 -12.06
C ASN A 180 -45.49 -2.81 -11.98
N GLU A 181 -44.97 -2.66 -10.75
CA GLU A 181 -43.54 -2.44 -10.56
C GLU A 181 -42.68 -3.58 -11.09
N SER A 182 -43.30 -4.71 -11.47
CA SER A 182 -42.58 -5.77 -12.16
C SER A 182 -41.92 -5.25 -13.43
N LEU A 183 -42.53 -4.25 -14.08
CA LEU A 183 -41.91 -3.59 -15.21
C LEU A 183 -41.93 -2.07 -15.12
N ASN A 184 -42.79 -1.46 -14.31
CA ASN A 184 -42.75 -0.02 -14.11
C ASN A 184 -41.50 0.40 -13.35
N PHE A 185 -41.28 -0.18 -12.17
CA PHE A 185 -40.04 0.04 -11.42
C PHE A 185 -38.88 -0.50 -12.24
N LYS A 186 -38.03 0.41 -12.75
CA LYS A 186 -37.07 0.08 -13.79
C LYS A 186 -35.68 0.52 -13.34
N ILE A 187 -34.85 -0.44 -12.93
CA ILE A 187 -33.44 -0.17 -12.69
C ILE A 187 -32.74 -0.01 -14.04
N ARG A 188 -32.45 1.25 -14.41
CA ARG A 188 -31.86 1.59 -15.71
C ARG A 188 -32.73 1.10 -16.86
N ASP A 189 -34.03 1.40 -16.77
CA ASP A 189 -35.01 1.08 -17.81
C ASP A 189 -35.10 -0.42 -18.07
N GLN A 190 -35.12 -1.21 -17.01
CA GLN A 190 -35.21 -2.67 -17.11
C GLN A 190 -36.45 -3.17 -16.37
N LEU A 191 -36.56 -4.49 -16.28
CA LEU A 191 -37.65 -5.14 -15.57
C LEU A 191 -37.09 -5.90 -14.39
N VAL A 192 -37.67 -5.68 -13.21
CA VAL A 192 -37.15 -6.34 -12.01
C VAL A 192 -37.42 -7.84 -12.03
N VAL A 193 -38.50 -8.28 -12.66
CA VAL A 193 -38.82 -9.70 -12.76
C VAL A 193 -38.64 -10.23 -14.18
N GLY A 194 -38.18 -9.41 -15.11
CA GLY A 194 -38.16 -9.81 -16.50
C GLY A 194 -36.78 -9.86 -17.10
N GLN A 195 -35.77 -9.63 -16.26
CA GLN A 195 -34.37 -9.70 -16.68
C GLN A 195 -34.04 -11.08 -17.24
N LEU A 196 -33.72 -11.15 -18.54
CA LEU A 196 -33.44 -12.43 -19.19
C LEU A 196 -32.08 -12.92 -18.74
N ILE A 197 -32.01 -13.38 -17.49
CA ILE A 197 -30.75 -13.72 -16.84
C ILE A 197 -30.33 -15.12 -17.27
N PRO A 198 -29.03 -15.37 -17.45
CA PRO A 198 -28.58 -16.71 -17.87
C PRO A 198 -28.95 -17.80 -16.87
N ASP A 199 -29.14 -19.01 -17.39
CA ASP A 199 -29.51 -20.15 -16.56
C ASP A 199 -28.42 -20.49 -15.54
N CYS A 200 -27.17 -20.16 -15.84
CA CYS A 200 -26.07 -20.40 -14.89
C CYS A 200 -26.28 -19.62 -13.60
N TYR A 201 -26.82 -18.40 -13.71
CA TYR A 201 -27.17 -17.62 -12.53
C TYR A 201 -28.13 -18.37 -11.62
N VAL A 202 -29.25 -18.85 -12.19
CA VAL A 202 -30.23 -19.56 -11.41
C VAL A 202 -29.66 -20.87 -10.87
N GLU A 203 -28.75 -21.50 -11.61
CA GLU A 203 -28.08 -22.69 -11.08
C GLU A 203 -27.21 -22.35 -9.87
N LEU A 204 -26.54 -21.20 -9.92
CA LEU A 204 -25.78 -20.71 -8.77
C LEU A 204 -26.69 -20.52 -7.56
N GLU A 205 -27.85 -19.88 -7.78
CA GLU A 205 -28.81 -19.73 -6.69
C GLU A 205 -29.27 -21.09 -6.16
N LYS A 206 -29.53 -22.03 -7.06
CA LYS A 206 -29.99 -23.37 -6.69
C LYS A 206 -28.98 -24.07 -5.80
N ILE A 207 -27.69 -23.97 -6.16
CA ILE A 207 -26.69 -24.64 -5.35
C ILE A 207 -26.43 -23.86 -4.06
N ILE A 208 -26.66 -22.54 -4.07
CA ILE A 208 -26.58 -21.75 -2.84
C ILE A 208 -27.62 -22.22 -1.83
N LEU A 209 -28.81 -22.60 -2.32
CA LEU A 209 -29.85 -23.12 -1.44
C LEU A 209 -29.35 -24.32 -0.62
N SER A 210 -28.72 -25.29 -1.28
CA SER A 210 -28.19 -26.44 -0.58
C SER A 210 -26.94 -26.10 0.23
N GLU A 211 -26.14 -25.16 -0.26
CA GLU A 211 -24.95 -24.74 0.48
C GLU A 211 -25.33 -24.14 1.83
N ARG A 212 -26.45 -23.41 1.88
CA ARG A 212 -26.95 -22.87 3.14
C ARG A 212 -27.30 -23.99 4.11
N LYS A 213 -27.70 -25.16 3.59
CA LYS A 213 -27.99 -26.30 4.44
C LYS A 213 -26.72 -27.04 4.84
N ASN A 214 -25.69 -26.98 4.01
CA ASN A 214 -24.44 -27.70 4.29
C ASN A 214 -23.54 -26.91 5.23
N VAL A 215 -23.49 -25.59 5.07
CA VAL A 215 -22.60 -24.70 5.82
C VAL A 215 -22.86 -24.85 7.31
N PRO A 216 -21.85 -24.67 8.18
CA PRO A 216 -22.08 -24.67 9.63
C PRO A 216 -23.23 -23.78 10.06
N ILE A 217 -24.02 -24.27 11.02
CA ILE A 217 -25.25 -23.59 11.43
C ILE A 217 -24.95 -22.24 12.06
N GLU A 218 -24.08 -22.22 13.07
CA GLU A 218 -23.75 -21.00 13.79
C GLU A 218 -22.55 -20.27 13.19
N PHE A 219 -22.17 -20.61 11.95
CA PHE A 219 -21.05 -19.95 11.30
C PHE A 219 -21.24 -19.81 9.79
N PRO A 220 -22.36 -19.20 9.31
CA PRO A 220 -22.63 -19.21 7.86
C PRO A 220 -21.64 -18.40 7.04
N VAL A 221 -20.77 -19.07 6.28
CA VAL A 221 -19.85 -18.40 5.36
C VAL A 221 -19.24 -19.46 4.44
N ILE A 222 -18.92 -19.06 3.20
CA ILE A 222 -18.15 -19.89 2.28
C ILE A 222 -17.02 -19.03 1.71
N ASP A 223 -15.86 -19.65 1.53
CA ASP A 223 -14.72 -18.95 0.94
C ASP A 223 -14.86 -18.87 -0.57
N ARG A 224 -13.88 -18.24 -1.22
CA ARG A 224 -13.92 -18.12 -2.67
C ARG A 224 -13.58 -19.45 -3.35
N LYS A 225 -12.63 -20.19 -2.78
CA LYS A 225 -12.14 -21.41 -3.41
C LYS A 225 -13.25 -22.45 -3.54
N ARG A 226 -14.04 -22.64 -2.48
CA ARG A 226 -15.14 -23.61 -2.53
C ARG A 226 -16.16 -23.22 -3.59
N LEU A 227 -16.48 -21.92 -3.69
CA LEU A 227 -17.41 -21.45 -4.71
C LEU A 227 -16.88 -21.72 -6.11
N LEU A 228 -15.59 -21.42 -6.34
CA LEU A 228 -14.98 -21.67 -7.64
C LEU A 228 -14.96 -23.16 -7.97
N GLN A 229 -14.79 -24.01 -6.96
CA GLN A 229 -14.80 -25.45 -7.18
C GLN A 229 -16.19 -25.94 -7.54
N LEU A 230 -17.22 -25.44 -6.84
CA LEU A 230 -18.57 -25.93 -7.11
C LEU A 230 -19.16 -25.34 -8.38
N VAL A 231 -18.62 -24.22 -8.86
CA VAL A 231 -19.09 -23.65 -10.13
C VAL A 231 -18.89 -24.65 -11.26
N ARG A 232 -17.68 -25.18 -11.39
CA ARG A 232 -17.38 -26.16 -12.42
C ARG A 232 -17.72 -27.59 -11.99
N GLU A 233 -17.85 -27.85 -10.69
CA GLU A 233 -18.08 -29.20 -10.21
C GLU A 233 -19.48 -29.71 -10.56
N ASN A 234 -20.46 -28.82 -10.62
CA ASN A 234 -21.84 -29.22 -10.88
C ASN A 234 -22.34 -28.81 -12.26
N GLN A 235 -21.41 -28.55 -13.19
CA GLN A 235 -21.72 -28.24 -14.59
C GLN A 235 -22.65 -27.04 -14.71
N LEU A 236 -22.17 -25.90 -14.22
CA LEU A 236 -22.93 -24.66 -14.29
C LEU A 236 -22.67 -23.88 -15.56
N GLN A 237 -21.53 -24.12 -16.23
CA GLN A 237 -21.10 -23.38 -17.41
C GLN A 237 -20.95 -21.89 -17.14
N LEU A 238 -20.59 -21.53 -15.91
CA LEU A 238 -20.43 -20.14 -15.50
C LEU A 238 -18.97 -19.75 -15.57
N ASP A 239 -18.68 -18.66 -16.26
CA ASP A 239 -17.30 -18.20 -16.41
C ASP A 239 -16.88 -17.38 -15.20
N GLU A 240 -15.56 -17.31 -14.99
CA GLU A 240 -15.01 -16.54 -13.87
C GLU A 240 -15.10 -15.03 -14.10
N ASN A 241 -15.29 -14.58 -15.34
CA ASN A 241 -15.38 -13.14 -15.60
C ASN A 241 -16.71 -12.57 -15.14
N GLU A 242 -17.82 -13.23 -15.51
CA GLU A 242 -19.14 -12.82 -15.03
C GLU A 242 -19.43 -13.29 -13.61
N LEU A 243 -18.55 -14.10 -13.02
CA LEU A 243 -18.75 -14.56 -11.65
C LEU A 243 -18.91 -13.44 -10.63
N PRO A 244 -18.07 -12.40 -10.59
CA PRO A 244 -18.39 -11.26 -9.70
C PRO A 244 -19.69 -10.56 -10.08
N HIS A 245 -19.97 -10.43 -11.37
CA HIS A 245 -21.26 -9.88 -11.80
C HIS A 245 -22.42 -10.74 -11.32
N ALA A 246 -22.26 -12.07 -11.37
CA ALA A 246 -23.28 -12.96 -10.82
C ALA A 246 -23.44 -12.78 -9.32
N VAL A 247 -22.33 -12.63 -8.61
CA VAL A 247 -22.38 -12.39 -7.17
C VAL A 247 -23.13 -11.11 -6.87
N HIS A 248 -22.83 -10.04 -7.64
CA HIS A 248 -23.49 -8.76 -7.43
C HIS A 248 -24.99 -8.86 -7.73
N PHE A 249 -25.36 -9.59 -8.78
CA PHE A 249 -26.78 -9.76 -9.10
C PHE A 249 -27.51 -10.50 -7.99
N LEU A 250 -26.98 -11.66 -7.56
CA LEU A 250 -27.61 -12.39 -6.47
C LEU A 250 -27.63 -11.57 -5.18
N ASN A 251 -26.63 -10.72 -4.97
CA ASN A 251 -26.66 -9.83 -3.81
C ASN A 251 -27.78 -8.80 -3.96
N GLU A 252 -28.03 -8.35 -5.18
CA GLU A 252 -29.13 -7.43 -5.44
C GLU A 252 -30.45 -8.06 -5.07
N SER A 253 -30.72 -9.27 -5.59
CA SER A 253 -31.94 -9.95 -5.21
C SER A 253 -31.90 -10.48 -3.78
N GLY A 254 -30.73 -10.49 -3.17
CA GLY A 254 -30.60 -10.73 -1.74
C GLY A 254 -30.62 -12.18 -1.30
N VAL A 255 -30.08 -13.09 -2.10
CA VAL A 255 -29.99 -14.48 -1.67
C VAL A 255 -28.66 -14.76 -0.96
N LEU A 256 -27.65 -13.93 -1.19
CA LEU A 256 -26.40 -13.99 -0.45
C LEU A 256 -25.90 -12.57 -0.23
N LEU A 257 -24.79 -12.45 0.51
CA LEU A 257 -24.21 -11.14 0.84
C LEU A 257 -22.70 -11.19 0.62
N HIS A 258 -22.18 -10.24 -0.14
CA HIS A 258 -20.75 -10.14 -0.40
C HIS A 258 -20.35 -8.67 -0.31
N PHE A 259 -19.28 -8.39 0.43
CA PHE A 259 -18.81 -7.03 0.67
C PHE A 259 -17.54 -6.82 -0.16
N GLN A 260 -17.70 -6.16 -1.31
CA GLN A 260 -16.58 -5.86 -2.18
C GLN A 260 -15.60 -4.88 -1.55
N ASP A 261 -16.06 -4.09 -0.56
CA ASP A 261 -15.36 -3.00 0.09
C ASP A 261 -13.96 -3.38 0.54
N PRO A 262 -12.92 -2.80 -0.09
CA PRO A 262 -11.55 -3.14 0.31
C PRO A 262 -11.20 -2.71 1.73
N ALA A 263 -11.75 -1.60 2.21
CA ALA A 263 -11.46 -1.16 3.57
C ALA A 263 -11.99 -2.15 4.60
N LEU A 264 -13.10 -2.81 4.29
CA LEU A 264 -13.63 -3.85 5.17
C LEU A 264 -12.77 -5.10 5.13
N GLN A 265 -12.07 -5.33 4.01
CA GLN A 265 -11.20 -6.47 3.73
C GLN A 265 -11.97 -7.78 3.61
N LEU A 266 -13.30 -7.77 3.66
CA LEU A 266 -14.10 -8.98 3.61
C LEU A 266 -14.38 -9.45 2.19
N SER A 267 -13.58 -9.00 1.21
CA SER A 267 -13.79 -9.40 -0.18
C SER A 267 -13.64 -10.90 -0.39
N ASP A 268 -12.93 -11.59 0.52
CA ASP A 268 -12.69 -13.02 0.36
C ASP A 268 -13.93 -13.83 0.72
N LEU A 269 -14.52 -13.55 1.89
CA LEU A 269 -15.63 -14.34 2.39
C LEU A 269 -16.90 -14.10 1.57
N TYR A 270 -17.81 -15.07 1.65
CA TYR A 270 -19.14 -14.96 1.05
C TYR A 270 -20.15 -15.44 2.07
N PHE A 271 -21.17 -14.63 2.34
CA PHE A 271 -22.19 -14.95 3.33
C PHE A 271 -23.39 -15.56 2.62
N VAL A 272 -23.73 -16.80 2.96
CA VAL A 272 -24.77 -17.54 2.25
C VAL A 272 -26.12 -17.43 2.96
N GLU A 273 -26.14 -17.16 4.27
CA GLU A 273 -27.36 -17.07 5.06
C GLU A 273 -27.53 -15.63 5.55
N PRO A 274 -28.18 -14.76 4.78
CA PRO A 274 -28.37 -13.38 5.24
C PRO A 274 -29.28 -13.27 6.45
N LYS A 275 -30.06 -14.31 6.76
CA LYS A 275 -30.87 -14.35 7.96
C LYS A 275 -30.04 -14.30 9.25
N TRP A 276 -28.71 -14.46 9.15
CA TRP A 276 -27.86 -14.53 10.33
C TRP A 276 -27.23 -13.19 10.68
N LEU A 277 -26.67 -12.49 9.68
CA LEU A 277 -25.99 -11.21 9.95
C LEU A 277 -26.92 -10.19 10.58
N CYS A 278 -28.21 -10.26 10.29
CA CYS A 278 -29.15 -9.26 10.80
C CYS A 278 -29.26 -9.31 12.32
N LYS A 279 -28.99 -10.47 12.93
CA LYS A 279 -29.18 -10.67 14.36
C LYS A 279 -27.89 -10.54 15.16
N ILE A 280 -26.77 -10.22 14.52
CA ILE A 280 -25.52 -10.10 15.27
C ILE A 280 -25.57 -8.87 16.18
N MET A 281 -26.24 -7.80 15.76
CA MET A 281 -26.44 -6.64 16.62
C MET A 281 -27.25 -7.02 17.85
N ALA A 282 -28.35 -7.75 17.64
CA ALA A 282 -29.18 -8.20 18.75
C ALA A 282 -28.39 -9.06 19.73
N GLN A 283 -27.59 -9.98 19.21
CA GLN A 283 -26.80 -10.85 20.07
C GLN A 283 -25.77 -10.05 20.86
N ILE A 284 -25.03 -9.17 20.18
CA ILE A 284 -23.95 -8.44 20.85
C ILE A 284 -24.47 -7.32 21.74
N LEU A 285 -25.75 -6.98 21.64
CA LEU A 285 -26.33 -5.95 22.50
C LEU A 285 -26.26 -6.36 23.98
N THR A 286 -26.55 -7.62 24.28
CA THR A 286 -26.60 -8.07 25.66
C THR A 286 -25.56 -9.18 25.87
N VAL A 287 -24.34 -8.96 25.39
CA VAL A 287 -23.25 -9.92 25.52
C VAL A 287 -22.94 -10.23 26.98
N HIS A 295 -20.39 2.70 36.00
CA HIS A 295 -19.73 2.58 34.72
C HIS A 295 -20.67 2.99 33.58
N PRO A 296 -20.16 3.75 32.62
CA PRO A 296 -20.97 4.15 31.46
C PRO A 296 -20.87 3.16 30.32
N LYS A 297 -22.00 3.03 29.61
CA LYS A 297 -22.09 2.16 28.44
C LYS A 297 -21.08 2.59 27.37
N GLY A 298 -20.91 1.72 26.38
CA GLY A 298 -19.76 1.84 25.51
C GLY A 298 -18.46 1.39 26.15
N ILE A 299 -18.54 0.71 27.29
CA ILE A 299 -17.38 0.13 27.96
C ILE A 299 -17.76 -1.27 28.40
N ILE A 300 -17.07 -2.28 27.87
CA ILE A 300 -17.38 -3.68 28.16
C ILE A 300 -16.13 -4.50 27.93
N SER A 301 -16.09 -5.69 28.53
CA SER A 301 -14.93 -6.57 28.48
C SER A 301 -14.68 -7.09 27.07
N ARG A 302 -13.51 -7.72 26.90
CA ARG A 302 -13.09 -8.30 25.63
C ARG A 302 -14.14 -9.24 25.07
N ARG A 303 -14.16 -9.34 23.74
CA ARG A 303 -15.14 -10.18 23.02
C ARG A 303 -14.76 -11.65 23.18
N ASP A 304 -14.91 -12.15 24.41
CA ASP A 304 -14.60 -13.53 24.71
C ASP A 304 -15.65 -14.50 24.18
N VAL A 305 -16.86 -14.01 23.89
CA VAL A 305 -17.94 -14.83 23.33
C VAL A 305 -17.63 -15.29 21.91
N GLU A 306 -16.51 -14.83 21.35
CA GLU A 306 -16.12 -15.20 19.99
C GLU A 306 -15.75 -16.67 19.88
N LYS A 307 -15.45 -17.33 21.01
CA LYS A 307 -15.03 -18.73 21.02
C LYS A 307 -16.02 -19.66 21.68
N PHE A 308 -17.09 -19.14 22.29
CA PHE A 308 -18.08 -19.98 22.96
C PHE A 308 -18.97 -20.75 21.99
N LEU A 309 -18.92 -20.41 20.70
CA LEU A 309 -19.72 -21.04 19.67
C LEU A 309 -18.83 -22.00 18.89
N SER A 310 -19.37 -22.56 17.79
CA SER A 310 -18.62 -23.44 16.90
C SER A 310 -17.29 -22.79 16.50
N LYS A 311 -17.38 -21.68 15.77
CA LYS A 311 -16.28 -20.72 15.62
C LYS A 311 -14.98 -21.37 15.15
N LYS A 312 -14.98 -21.84 13.90
CA LYS A 312 -13.81 -22.54 13.37
C LYS A 312 -12.69 -21.56 13.03
N ARG A 313 -12.33 -20.73 14.01
CA ARG A 313 -11.25 -19.74 13.97
C ARG A 313 -11.20 -19.11 15.35
N LYS A 314 -10.29 -18.16 15.60
CA LYS A 314 -10.33 -17.47 16.88
C LYS A 314 -11.36 -16.32 16.84
N PHE A 315 -12.55 -16.62 16.32
CA PHE A 315 -13.75 -15.79 16.22
C PHE A 315 -14.78 -16.66 15.49
N PRO A 316 -16.07 -16.30 15.46
CA PRO A 316 -17.03 -17.16 14.74
C PRO A 316 -16.95 -17.01 13.22
N LYS A 317 -16.84 -18.16 12.54
CA LYS A 317 -16.93 -18.35 11.09
C LYS A 317 -15.71 -17.86 10.31
N ASN A 318 -14.85 -17.08 10.97
CA ASN A 318 -13.54 -16.62 10.51
C ASN A 318 -13.00 -15.74 11.62
N TYR A 319 -11.74 -15.34 11.49
CA TYR A 319 -11.13 -14.36 12.38
C TYR A 319 -11.53 -12.92 12.06
N MET A 320 -12.51 -12.72 11.18
CA MET A 320 -12.81 -11.41 10.61
C MET A 320 -14.08 -10.78 11.16
N THR A 321 -14.67 -11.35 12.22
CA THR A 321 -15.83 -10.71 12.85
C THR A 321 -15.50 -9.31 13.35
N GLN A 322 -14.40 -9.16 14.09
CA GLN A 322 -14.01 -7.89 14.70
C GLN A 322 -13.85 -6.74 13.70
N TYR A 323 -13.90 -7.02 12.40
CA TYR A 323 -13.95 -6.01 11.36
C TYR A 323 -15.38 -5.62 10.98
N PHE A 324 -16.33 -5.72 11.93
CA PHE A 324 -17.73 -5.41 11.63
C PHE A 324 -17.93 -3.90 11.84
N LYS A 325 -17.96 -3.16 10.74
CA LYS A 325 -18.17 -1.72 10.77
C LYS A 325 -19.67 -1.41 10.76
N LEU A 326 -20.36 -1.93 11.77
CA LEU A 326 -21.81 -1.75 11.92
C LEU A 326 -22.14 -1.20 13.30
N GLU A 339 -9.79 -6.92 23.43
CA GLU A 339 -10.45 -5.79 22.82
C GLU A 339 -11.59 -5.28 23.68
N TYR A 340 -11.29 -4.31 24.54
CA TYR A 340 -12.30 -3.73 25.43
C TYR A 340 -13.31 -2.96 24.59
N LEU A 341 -14.59 -3.30 24.73
CA LEU A 341 -15.57 -3.04 23.68
C LEU A 341 -16.27 -1.71 23.88
N LEU A 342 -16.49 -1.01 22.77
CA LEU A 342 -17.34 0.18 22.72
C LEU A 342 -18.41 -0.02 21.66
N VAL A 343 -19.67 0.21 22.04
CA VAL A 343 -20.80 0.11 21.12
C VAL A 343 -21.74 1.29 21.32
N PRO A 344 -22.05 2.04 20.25
CA PRO A 344 -22.89 3.22 20.42
C PRO A 344 -24.36 2.91 20.65
N SER A 345 -24.85 1.77 20.16
CA SER A 345 -26.27 1.46 20.20
C SER A 345 -26.81 1.41 21.62
N SER A 346 -26.02 0.91 22.57
CA SER A 346 -26.47 0.77 23.95
C SER A 346 -26.19 1.99 24.81
N LEU A 347 -25.77 3.10 24.21
CA LEU A 347 -25.50 4.30 24.99
C LEU A 347 -26.81 4.91 25.49
N SER A 348 -26.76 5.45 26.71
CA SER A 348 -27.92 6.09 27.31
C SER A 348 -28.39 7.26 26.46
N ASP A 349 -29.69 7.56 26.55
CA ASP A 349 -30.31 8.57 25.70
C ASP A 349 -30.71 9.82 26.47
N HIS A 350 -30.25 9.96 27.71
CA HIS A 350 -30.50 11.16 28.50
C HIS A 350 -29.23 11.99 28.56
N ARG A 351 -29.39 13.31 28.40
CA ARG A 351 -28.29 14.25 28.58
C ARG A 351 -27.75 14.12 30.00
N PRO A 352 -26.50 13.66 30.17
CA PRO A 352 -25.97 13.38 31.51
C PRO A 352 -25.80 14.63 32.37
N VAL A 353 -25.35 14.44 33.60
CA VAL A 353 -25.19 15.55 34.54
C VAL A 353 -23.82 16.21 34.32
N ILE A 354 -23.77 17.10 33.34
CA ILE A 354 -22.56 17.81 32.97
C ILE A 354 -22.86 19.30 32.79
N GLU A 355 -22.22 20.12 33.62
CA GLU A 355 -22.44 21.56 33.62
C GLU A 355 -21.25 22.24 32.95
N LEU A 356 -21.53 23.27 32.16
CA LEU A 356 -20.47 24.03 31.52
C LEU A 356 -19.60 24.70 32.57
N PRO A 357 -18.28 24.51 32.55
CA PRO A 357 -17.41 25.12 33.57
C PRO A 357 -17.55 26.63 33.70
N HIS A 358 -17.94 27.31 32.63
CA HIS A 358 -18.21 28.74 32.65
C HIS A 358 -19.58 28.98 32.03
N CYS A 359 -20.10 30.20 32.23
CA CYS A 359 -21.39 30.57 31.64
C CYS A 359 -21.42 32.09 31.47
N GLU A 360 -21.20 32.53 30.23
CA GLU A 360 -21.21 33.93 29.86
C GLU A 360 -21.14 34.02 28.33
N ASN A 361 -21.89 34.97 27.77
CA ASN A 361 -21.88 35.15 26.31
C ASN A 361 -20.50 35.58 25.81
N SER A 362 -19.75 36.31 26.64
CA SER A 362 -18.44 36.80 26.22
C SER A 362 -17.38 35.72 26.25
N GLU A 363 -17.47 34.77 27.19
CA GLU A 363 -16.38 33.87 27.48
C GLU A 363 -16.40 32.59 26.65
N ILE A 364 -17.49 32.29 25.95
CA ILE A 364 -17.61 31.05 25.20
C ILE A 364 -18.08 31.36 23.78
N ILE A 365 -17.54 30.61 22.82
CA ILE A 365 -18.12 30.54 21.48
C ILE A 365 -19.10 29.37 21.45
N ILE A 366 -20.06 29.44 20.52
CA ILE A 366 -20.99 28.35 20.24
C ILE A 366 -21.26 28.36 18.74
N ARG A 367 -20.84 27.31 18.05
CA ARG A 367 -21.21 27.11 16.66
C ARG A 367 -22.57 26.41 16.58
N LEU A 368 -23.17 26.38 15.38
CA LEU A 368 -24.42 25.69 15.17
C LEU A 368 -24.49 25.14 13.76
N TYR A 369 -24.99 23.93 13.63
CA TYR A 369 -25.33 23.34 12.33
C TYR A 369 -26.82 23.06 12.32
N GLU A 370 -27.54 23.68 11.37
CA GLU A 370 -28.96 23.45 11.18
C GLU A 370 -29.15 22.35 10.15
N MET A 371 -29.74 21.23 10.58
CA MET A 371 -29.96 20.08 9.73
C MET A 371 -31.41 19.63 9.85
N PRO A 372 -32.05 19.29 8.73
CA PRO A 372 -33.44 18.80 8.81
C PRO A 372 -33.57 17.50 9.57
N TYR A 373 -32.82 16.47 9.18
CA TYR A 373 -32.96 15.13 9.73
C TYR A 373 -31.57 14.55 9.96
N PHE A 374 -31.32 14.11 11.20
CA PHE A 374 -30.09 13.39 11.51
C PHE A 374 -30.07 12.07 10.75
N PRO A 375 -29.16 11.89 9.80
CA PRO A 375 -29.10 10.62 9.05
C PRO A 375 -28.84 9.45 9.97
N MET A 376 -29.56 8.35 9.73
CA MET A 376 -29.42 7.15 10.55
C MET A 376 -27.97 6.68 10.54
N GLY A 377 -27.34 6.71 11.70
CA GLY A 377 -25.93 6.38 11.81
C GLY A 377 -25.01 7.58 11.82
N PHE A 378 -25.50 8.75 12.22
CA PHE A 378 -24.65 9.93 12.31
C PHE A 378 -23.83 9.90 13.58
N TRP A 379 -24.51 9.86 14.73
CA TRP A 379 -23.83 9.99 16.02
C TRP A 379 -22.85 8.86 16.29
N SER A 380 -23.09 7.68 15.73
CA SER A 380 -22.10 6.60 15.80
C SER A 380 -20.79 7.03 15.15
N ARG A 381 -20.87 7.46 13.88
CA ARG A 381 -19.69 7.91 13.16
C ARG A 381 -19.04 9.10 13.87
N LEU A 382 -19.85 9.99 14.44
CA LEU A 382 -19.30 11.17 15.08
C LEU A 382 -18.53 10.82 16.34
N ILE A 383 -19.12 9.98 17.21
CA ILE A 383 -18.41 9.51 18.40
C ILE A 383 -17.13 8.80 18.00
N ASN A 384 -17.20 7.91 17.01
CA ASN A 384 -16.02 7.18 16.56
C ASN A 384 -14.92 8.13 16.13
N ARG A 385 -15.26 9.10 15.26
CA ARG A 385 -14.25 10.03 14.77
C ARG A 385 -13.73 10.93 15.87
N LEU A 386 -14.58 11.29 16.84
CA LEU A 386 -14.20 12.13 17.96
C LEU A 386 -13.74 11.33 19.17
N LEU A 387 -13.32 10.08 18.96
CA LEU A 387 -12.52 9.34 19.94
C LEU A 387 -11.04 9.42 19.61
N GLU A 388 -10.60 10.54 19.07
CA GLU A 388 -9.20 10.92 19.04
C GLU A 388 -8.92 11.87 20.20
N ILE A 389 -7.74 11.75 20.80
CA ILE A 389 -7.48 12.43 22.05
C ILE A 389 -6.16 13.21 21.96
N SER A 390 -5.74 13.50 20.73
CA SER A 390 -4.47 14.19 20.48
C SER A 390 -4.71 15.39 19.57
N PRO A 391 -5.27 16.49 20.10
CA PRO A 391 -5.32 17.71 19.30
C PRO A 391 -4.33 18.77 19.77
N PRO A 403 -8.05 12.48 29.17
CA PRO A 403 -9.10 13.46 29.43
C PRO A 403 -10.43 12.80 29.80
N ASN A 404 -11.12 13.42 30.77
CA ASN A 404 -12.36 12.87 31.30
C ASN A 404 -13.50 13.06 30.31
N ARG A 405 -14.06 11.94 29.83
CA ARG A 405 -15.09 12.01 28.81
C ARG A 405 -16.45 11.82 29.46
N ARG A 406 -17.51 11.88 28.64
CA ARG A 406 -18.88 11.60 29.03
C ARG A 406 -19.77 11.49 27.79
N TYR A 407 -19.45 10.53 26.93
CA TYR A 407 -20.14 10.34 25.65
C TYR A 407 -21.48 9.62 25.86
N TRP A 408 -22.56 10.33 25.57
CA TRP A 408 -23.90 9.78 25.51
C TRP A 408 -24.27 9.52 24.04
N ARG A 409 -25.53 9.17 23.79
CA ARG A 409 -25.89 8.66 22.46
C ARG A 409 -25.93 9.75 21.40
N GLN A 410 -26.05 11.02 21.78
CA GLN A 410 -26.09 12.10 20.79
C GLN A 410 -25.19 13.27 21.19
N GLY A 411 -24.07 12.97 21.85
CA GLY A 411 -23.03 13.96 22.02
C GLY A 411 -21.78 13.45 22.71
N ILE A 412 -20.61 13.71 22.12
CA ILE A 412 -19.33 13.49 22.78
C ILE A 412 -19.12 14.62 23.79
N TYR A 413 -18.14 14.47 24.67
CA TYR A 413 -17.73 15.54 25.56
C TYR A 413 -16.27 15.26 25.94
N LEU A 414 -15.43 16.27 25.83
CA LEU A 414 -13.99 16.12 26.03
C LEU A 414 -13.49 17.27 26.88
N ASN A 415 -13.13 16.98 28.13
CA ASN A 415 -12.68 18.00 29.07
C ASN A 415 -11.24 17.66 29.46
N TRP A 416 -10.30 18.50 29.04
CA TRP A 416 -8.94 18.41 29.54
C TRP A 416 -8.81 19.08 30.89
N SER A 417 -9.30 20.32 30.99
CA SER A 417 -9.20 21.14 32.19
C SER A 417 -10.19 22.28 32.02
N PRO A 418 -10.39 23.13 33.07
CA PRO A 418 -11.22 24.34 32.88
C PRO A 418 -10.73 25.29 31.78
N GLU A 419 -9.59 24.99 31.16
CA GLU A 419 -9.09 25.81 30.07
C GLU A 419 -9.78 25.49 28.75
N ALA A 420 -10.09 24.21 28.50
CA ALA A 420 -10.54 23.81 27.18
C ALA A 420 -11.49 22.62 27.29
N TYR A 421 -12.73 22.82 26.85
CA TYR A 421 -13.71 21.74 26.71
C TYR A 421 -14.49 21.96 25.42
N CYS A 422 -15.09 20.87 24.92
CA CYS A 422 -15.80 20.90 23.63
C CYS A 422 -17.07 20.06 23.71
N LEU A 423 -18.19 20.71 24.02
CA LEU A 423 -19.46 20.00 24.22
C LEU A 423 -20.21 19.90 22.90
N VAL A 424 -19.71 19.02 22.02
CA VAL A 424 -20.47 18.65 20.84
C VAL A 424 -21.76 17.98 21.30
N GLY A 425 -22.89 18.58 20.97
CA GLY A 425 -24.16 18.04 21.43
C GLY A 425 -25.34 18.49 20.61
N SER A 426 -26.39 17.68 20.65
CA SER A 426 -27.63 17.98 19.95
C SER A 426 -28.59 18.72 20.87
N GLU A 427 -29.07 19.87 20.40
CA GLU A 427 -29.99 20.72 21.17
C GLU A 427 -31.13 21.12 20.24
N VAL A 428 -32.18 20.29 20.20
CA VAL A 428 -33.37 20.59 19.42
C VAL A 428 -34.28 21.61 20.09
N LEU A 429 -33.92 22.09 21.29
CA LEU A 429 -34.78 23.00 22.03
C LEU A 429 -34.71 24.40 21.41
N ASP A 430 -35.37 24.58 20.27
CA ASP A 430 -35.44 25.87 19.60
C ASP A 430 -36.85 26.26 19.22
N ASN A 431 -37.87 25.46 19.59
CA ASN A 431 -39.27 25.65 19.23
C ASN A 431 -39.50 25.59 17.73
N HIS A 432 -38.61 24.93 17.00
CA HIS A 432 -38.67 24.80 15.56
C HIS A 432 -38.61 23.32 15.19
N PRO A 433 -39.06 22.94 14.00
CA PRO A 433 -39.04 21.50 13.66
C PRO A 433 -37.65 20.93 13.44
N GLU A 434 -36.78 21.64 12.73
CA GLU A 434 -35.47 21.11 12.36
C GLU A 434 -34.60 20.92 13.60
N SER A 435 -33.41 20.35 13.38
CA SER A 435 -32.50 19.99 14.46
C SER A 435 -31.21 20.79 14.38
N PHE A 436 -30.60 21.02 15.54
CA PHE A 436 -29.39 21.82 15.64
C PHE A 436 -28.31 20.99 16.35
N LEU A 437 -27.17 20.82 15.68
CA LEU A 437 -25.97 20.28 16.30
C LEU A 437 -25.09 21.45 16.74
N LYS A 438 -24.80 21.53 18.05
CA LYS A 438 -24.11 22.69 18.58
C LYS A 438 -22.81 22.29 19.26
N ILE A 439 -21.73 22.99 18.89
CA ILE A 439 -20.43 22.87 19.54
C ILE A 439 -20.29 24.07 20.49
N THR A 440 -19.67 23.85 21.64
CA THR A 440 -19.49 24.91 22.63
C THR A 440 -18.04 24.85 23.11
N VAL A 441 -17.35 25.99 23.06
CA VAL A 441 -15.96 26.05 23.51
C VAL A 441 -15.73 27.36 24.25
N PRO A 442 -14.70 27.41 25.10
CA PRO A 442 -14.40 28.67 25.78
C PRO A 442 -13.54 29.58 24.92
N SER A 443 -13.78 30.88 25.04
CA SER A 443 -13.19 31.86 24.13
C SER A 443 -11.76 32.20 24.52
N CYS A 444 -10.93 31.17 24.67
CA CYS A 444 -9.48 31.28 24.78
C CYS A 444 -8.86 30.53 23.61
N ARG A 445 -7.58 30.79 23.35
CA ARG A 445 -6.92 30.22 22.18
C ARG A 445 -6.97 28.69 22.18
N LYS A 446 -6.89 28.05 23.35
CA LYS A 446 -7.01 26.60 23.43
C LYS A 446 -8.37 26.15 22.88
N GLY A 447 -9.43 26.85 23.25
CA GLY A 447 -10.73 26.53 22.69
C GLY A 447 -10.79 26.81 21.20
N CYS A 448 -10.01 27.77 20.72
CA CYS A 448 -10.04 28.06 19.30
C CYS A 448 -9.39 26.93 18.52
N ILE A 449 -8.23 26.45 18.99
CA ILE A 449 -7.56 25.31 18.37
C ILE A 449 -8.42 24.06 18.43
N LEU A 450 -9.28 23.96 19.45
CA LEU A 450 -10.18 22.81 19.51
C LEU A 450 -11.34 22.93 18.52
N LEU A 451 -12.02 24.09 18.54
CA LEU A 451 -13.13 24.31 17.62
C LEU A 451 -12.69 24.19 16.17
N GLY A 452 -11.53 24.73 15.83
CA GLY A 452 -11.07 24.72 14.44
C GLY A 452 -10.71 23.35 13.92
N GLN A 453 -10.56 22.37 14.80
CA GLN A 453 -10.30 20.98 14.41
C GLN A 453 -11.57 20.15 14.44
N VAL A 454 -12.43 20.40 15.43
CA VAL A 454 -13.73 19.72 15.47
C VAL A 454 -14.55 20.05 14.22
N VAL A 455 -14.51 21.32 13.79
CA VAL A 455 -15.28 21.69 12.60
C VAL A 455 -14.70 21.07 11.33
N ASP A 456 -13.39 20.80 11.32
CA ASP A 456 -12.81 20.12 10.17
C ASP A 456 -13.17 18.65 10.17
N HIS A 457 -13.17 18.01 11.34
CA HIS A 457 -13.49 16.59 11.38
C HIS A 457 -14.97 16.37 11.08
N ILE A 458 -15.83 17.25 11.57
CA ILE A 458 -17.25 17.13 11.27
C ILE A 458 -17.50 17.36 9.78
N ASP A 459 -16.81 18.34 9.17
CA ASP A 459 -17.02 18.57 7.75
C ASP A 459 -16.33 17.54 6.86
N SER A 460 -15.41 16.75 7.42
CA SER A 460 -14.91 15.61 6.66
C SER A 460 -15.85 14.43 6.76
N LEU A 461 -16.43 14.19 7.95
CA LEU A 461 -17.52 13.23 8.05
C LEU A 461 -18.60 13.55 7.02
N MET A 462 -19.12 14.78 7.07
CA MET A 462 -20.23 15.14 6.18
C MET A 462 -19.78 15.36 4.73
N GLU A 463 -18.49 15.22 4.42
CA GLU A 463 -18.06 15.23 3.03
C GLU A 463 -17.81 13.84 2.48
N GLU A 464 -17.48 12.87 3.34
CA GLU A 464 -17.20 11.52 2.88
C GLU A 464 -18.40 10.58 2.99
N TRP A 465 -19.01 10.49 4.18
CA TRP A 465 -20.01 9.47 4.42
C TRP A 465 -21.43 9.96 4.16
N PHE A 466 -21.70 11.25 4.32
CA PHE A 466 -23.03 11.82 4.20
C PHE A 466 -23.01 12.93 3.16
N PRO A 467 -23.03 12.59 1.86
CA PRO A 467 -22.98 13.64 0.84
C PRO A 467 -24.27 14.42 0.71
N GLY A 468 -25.42 13.74 0.81
CA GLY A 468 -26.71 14.37 0.58
C GLY A 468 -26.97 15.62 1.40
N LEU A 469 -26.38 15.70 2.61
CA LEU A 469 -26.57 16.88 3.44
C LEU A 469 -25.95 18.12 2.81
N LEU A 470 -24.88 17.96 2.03
CA LEU A 470 -24.24 19.10 1.39
C LEU A 470 -23.88 18.79 -0.06
N THR A 480 -27.65 23.97 0.64
CA THR A 480 -28.53 22.81 0.58
C THR A 480 -29.33 22.67 1.88
N LEU A 481 -29.37 21.45 2.42
CA LEU A 481 -30.07 21.23 3.68
C LEU A 481 -29.26 21.74 4.87
N LEU A 482 -27.96 21.50 4.87
CA LEU A 482 -27.08 21.96 5.95
C LEU A 482 -27.00 23.49 5.92
N LYS A 483 -27.12 24.11 7.10
CA LYS A 483 -27.04 25.56 7.19
C LYS A 483 -26.31 25.95 8.47
N LYS A 484 -25.07 26.41 8.34
CA LYS A 484 -24.29 26.71 9.53
C LYS A 484 -24.78 28.03 10.16
N TRP A 485 -24.34 28.27 11.39
CA TRP A 485 -24.68 29.47 12.14
C TRP A 485 -23.61 29.75 13.17
N ALA A 486 -23.36 31.03 13.41
CA ALA A 486 -22.51 31.50 14.49
C ALA A 486 -23.33 32.39 15.42
N LEU A 487 -23.11 32.23 16.72
CA LEU A 487 -23.89 32.89 17.76
C LEU A 487 -23.05 33.98 18.41
N TYR A 488 -23.30 35.23 18.04
CA TYR A 488 -22.62 36.37 18.62
C TYR A 488 -23.56 37.15 19.53
N SER A 489 -22.99 38.08 20.29
CA SER A 489 -23.75 38.93 21.19
C SER A 489 -22.87 40.11 21.59
N PHE A 490 -23.38 41.33 21.37
CA PHE A 490 -22.59 42.51 21.67
C PHE A 490 -22.48 42.75 23.18
N ASN A 491 -23.62 42.96 23.83
CA ASN A 491 -23.66 43.18 25.27
C ASN A 491 -23.85 41.84 25.97
N ASP A 492 -22.90 41.46 26.81
CA ASP A 492 -22.96 40.19 27.52
C ASP A 492 -24.21 40.15 28.41
N GLY A 493 -24.77 38.94 28.55
CA GLY A 493 -25.98 38.72 29.30
C GLY A 493 -27.22 38.60 28.44
N GLU A 494 -27.27 39.30 27.31
CA GLU A 494 -28.39 39.20 26.40
C GLU A 494 -28.36 37.86 25.66
N GLU A 495 -29.51 37.51 25.07
CA GLU A 495 -29.63 36.26 24.32
C GLU A 495 -28.68 36.26 23.12
N HIS A 496 -28.41 35.06 22.62
CA HIS A 496 -27.51 34.89 21.49
C HIS A 496 -28.22 35.23 20.18
N GLN A 497 -27.50 35.89 19.28
CA GLN A 497 -28.01 36.22 17.95
C GLN A 497 -27.19 35.48 16.90
N LYS A 498 -27.87 34.83 15.97
CA LYS A 498 -27.23 33.96 14.99
C LYS A 498 -27.08 34.65 13.64
N ILE A 499 -25.98 34.34 12.97
CA ILE A 499 -25.80 34.70 11.56
C ILE A 499 -25.17 33.52 10.84
N LEU A 500 -25.67 33.22 9.64
CA LEU A 500 -25.16 32.08 8.89
C LEU A 500 -23.73 32.36 8.43
N LEU A 501 -23.02 31.28 8.11
CA LEU A 501 -21.56 31.37 7.99
C LEU A 501 -21.13 32.01 6.67
N ASP A 502 -21.88 31.76 5.60
CA ASP A 502 -21.53 32.31 4.29
C ASP A 502 -21.51 33.82 4.28
N ASP A 503 -22.29 34.45 5.16
CA ASP A 503 -22.34 35.90 5.24
C ASP A 503 -21.28 36.45 6.18
N LEU A 504 -21.08 35.78 7.32
CA LEU A 504 -20.05 36.21 8.26
C LEU A 504 -18.65 36.11 7.63
N MET A 505 -18.44 35.10 6.78
CA MET A 505 -17.16 34.95 6.10
C MET A 505 -16.85 36.18 5.24
N LYS A 506 -17.83 36.68 4.50
CA LYS A 506 -17.62 37.88 3.69
C LYS A 506 -17.47 39.11 4.57
N LYS A 507 -18.35 39.25 5.57
CA LYS A 507 -18.25 40.38 6.50
C LYS A 507 -16.89 40.44 7.18
N ALA A 508 -16.23 39.30 7.35
CA ALA A 508 -14.90 39.27 7.95
C ALA A 508 -13.82 39.51 6.92
N GLU A 509 -13.98 38.95 5.72
CA GLU A 509 -13.03 39.18 4.63
C GLU A 509 -12.91 40.66 4.32
N GLU A 510 -14.03 41.40 4.36
CA GLU A 510 -13.97 42.84 4.19
C GLU A 510 -13.18 43.49 5.32
N GLY A 511 -13.41 43.04 6.55
CA GLY A 511 -12.70 43.56 7.71
C GLY A 511 -13.06 42.81 8.97
N ASP A 512 -12.05 42.45 9.77
CA ASP A 512 -12.28 41.60 10.94
C ASP A 512 -12.56 42.42 12.20
N LEU A 513 -13.46 43.39 12.08
CA LEU A 513 -13.88 44.21 13.22
C LEU A 513 -15.39 44.38 13.20
N LEU A 514 -16.10 43.26 13.08
CA LEU A 514 -17.54 43.16 12.85
C LEU A 514 -18.34 44.19 13.64
N VAL A 515 -19.12 45.00 12.93
CA VAL A 515 -19.78 46.17 13.50
C VAL A 515 -21.25 45.85 13.74
N ASN A 516 -21.78 46.37 14.84
CA ASN A 516 -23.21 46.29 15.12
C ASN A 516 -23.99 47.10 14.08
N PRO A 517 -24.91 46.47 13.34
CA PRO A 517 -25.66 47.22 12.33
C PRO A 517 -26.56 48.30 12.92
N ASP A 518 -27.02 48.14 14.16
CA ASP A 518 -27.92 49.13 14.76
C ASP A 518 -27.15 50.39 15.14
N GLN A 519 -26.17 50.26 16.04
CA GLN A 519 -25.36 51.39 16.49
C GLN A 519 -23.89 51.01 16.43
N PRO A 520 -23.05 51.77 15.72
CA PRO A 520 -21.62 51.41 15.62
C PRO A 520 -20.85 51.50 16.93
N ARG A 521 -21.47 51.91 18.04
CA ARG A 521 -20.78 51.98 19.32
C ARG A 521 -20.41 50.61 19.88
N LEU A 522 -20.89 49.52 19.28
CA LEU A 522 -20.58 48.17 19.71
C LEU A 522 -19.73 47.48 18.64
N THR A 523 -18.63 46.87 19.06
CA THR A 523 -17.69 46.20 18.18
C THR A 523 -17.29 44.87 18.79
N ILE A 524 -17.38 43.80 18.00
CA ILE A 524 -16.95 42.47 18.42
C ILE A 524 -16.03 41.86 17.37
N PRO A 525 -14.79 41.51 17.72
CA PRO A 525 -13.88 40.95 16.72
C PRO A 525 -14.34 39.59 16.22
N ILE A 526 -14.21 39.37 14.91
CA ILE A 526 -14.55 38.10 14.29
C ILE A 526 -13.72 36.94 14.80
N SER A 527 -12.62 37.22 15.51
CA SER A 527 -11.84 36.16 16.14
C SER A 527 -12.68 35.37 17.13
N GLN A 528 -13.18 36.05 18.17
CA GLN A 528 -13.88 35.38 19.26
C GLN A 528 -15.34 35.09 18.97
N ILE A 529 -15.77 35.15 17.71
CA ILE A 529 -17.12 34.73 17.33
C ILE A 529 -17.08 33.58 16.33
N ALA A 530 -16.04 33.55 15.50
CA ALA A 530 -15.91 32.49 14.51
C ALA A 530 -14.48 32.36 14.01
N PRO A 531 -13.54 31.89 14.84
CA PRO A 531 -12.12 31.91 14.45
C PRO A 531 -11.74 30.88 13.38
N ASP A 532 -12.71 30.16 12.83
CA ASP A 532 -12.40 29.28 11.72
C ASP A 532 -12.21 30.06 10.42
N LEU A 533 -12.88 31.20 10.27
CA LEU A 533 -12.90 31.87 8.97
C LEU A 533 -11.68 32.76 8.75
N ILE A 534 -11.19 33.40 9.81
CA ILE A 534 -10.08 34.33 9.69
C ILE A 534 -8.75 33.70 10.11
N LEU A 535 -8.71 32.38 10.29
CA LEU A 535 -7.49 31.62 10.54
C LEU A 535 -6.77 32.12 11.80
N ALA A 536 -7.54 32.27 12.88
CA ALA A 536 -6.98 32.59 14.17
C ALA A 536 -6.65 31.36 15.00
N ASP A 537 -7.14 30.19 14.60
CA ASP A 537 -6.83 28.93 15.29
C ASP A 537 -5.69 28.20 14.61
N LEU A 538 -4.53 28.86 14.59
CA LEU A 538 -3.30 28.34 14.00
C LEU A 538 -2.14 28.72 14.89
N PRO A 539 -1.12 27.87 14.98
CA PRO A 539 0.11 28.23 15.69
C PRO A 539 0.63 29.58 15.25
N ARG A 540 0.93 30.45 16.22
CA ARG A 540 1.27 31.84 15.93
C ARG A 540 2.61 32.02 15.23
N ASN A 541 3.31 30.95 14.87
CA ASN A 541 4.53 31.10 14.10
C ASN A 541 4.23 31.33 12.62
N ILE A 542 3.10 30.81 12.14
CA ILE A 542 2.73 30.89 10.73
C ILE A 542 1.58 31.87 10.53
N MET A 543 1.90 33.11 10.22
CA MET A 543 0.89 34.13 9.96
C MET A 543 1.46 35.14 8.99
N LEU A 544 0.67 35.50 7.97
CA LEU A 544 1.14 36.39 6.93
C LEU A 544 1.47 37.76 7.49
N ASN A 545 2.48 38.39 6.89
CA ASN A 545 3.07 39.65 7.35
C ASN A 545 3.23 40.60 6.19
N ASN A 546 2.12 40.84 5.48
CA ASN A 546 2.06 41.40 4.12
C ASN A 546 2.97 42.60 3.87
N ASP A 547 3.32 43.33 4.92
CA ASP A 547 4.35 44.38 4.81
C ASP A 547 5.66 43.82 4.27
N GLU A 548 6.00 42.59 4.64
CA GLU A 548 7.26 41.94 4.27
C GLU A 548 7.07 40.92 3.16
N LEU A 549 6.18 41.21 2.22
CA LEU A 549 5.90 40.31 1.11
C LEU A 549 5.76 41.13 -0.16
N GLU A 550 6.38 40.67 -1.24
CA GLU A 550 6.49 41.44 -2.48
C GLU A 550 6.24 40.55 -3.69
N PHE A 551 5.11 39.83 -3.69
CA PHE A 551 4.83 38.96 -4.80
C PHE A 551 4.31 39.74 -6.00
N GLU A 552 4.28 39.08 -7.15
CA GLU A 552 3.73 39.66 -8.37
C GLU A 552 2.93 38.61 -9.11
N GLN A 553 1.72 38.97 -9.52
CA GLN A 553 0.82 38.05 -10.22
C GLN A 553 1.07 38.02 -11.72
N ALA A 554 2.09 38.73 -12.21
CA ALA A 554 2.48 38.83 -13.60
C ALA A 554 2.70 37.46 -14.24
N PRO A 555 2.55 37.33 -15.57
CA PRO A 555 2.73 36.01 -16.19
C PRO A 555 4.15 35.46 -16.07
N GLU A 556 5.16 36.31 -16.29
CA GLU A 556 6.55 35.86 -16.28
C GLU A 556 6.92 35.13 -15.00
N PHE A 557 6.49 35.65 -13.85
CA PHE A 557 6.87 35.10 -12.56
C PHE A 557 5.97 33.93 -12.19
N LEU A 558 5.81 32.96 -13.09
CA LEU A 558 4.94 31.83 -12.83
C LEU A 558 5.74 30.54 -12.80
N LEU A 559 5.15 29.54 -12.13
CA LEU A 559 5.79 28.26 -11.87
C LEU A 559 4.85 27.17 -12.36
N GLY A 560 4.38 26.30 -11.47
CA GLY A 560 3.41 25.31 -11.85
C GLY A 560 1.99 25.86 -11.74
N ASP A 561 1.02 24.99 -12.04
CA ASP A 561 -0.39 25.33 -11.91
C ASP A 561 -1.14 24.10 -11.40
N GLY A 562 -0.99 23.80 -10.11
CA GLY A 562 -1.52 22.56 -9.60
C GLY A 562 -3.01 22.57 -9.30
N SER A 563 -3.82 22.38 -10.34
CA SER A 563 -5.28 22.19 -10.22
C SER A 563 -5.91 23.45 -9.65
N PHE A 564 -6.53 23.39 -8.47
CA PHE A 564 -7.34 24.48 -7.90
C PHE A 564 -6.62 25.82 -7.87
N GLY A 565 -5.32 25.83 -7.59
CA GLY A 565 -4.62 27.10 -7.54
C GLY A 565 -3.45 27.29 -8.48
N SER A 566 -2.72 28.38 -8.28
CA SER A 566 -1.46 28.66 -8.97
C SER A 566 -0.38 28.91 -7.92
N VAL A 567 0.87 28.94 -8.37
CA VAL A 567 2.03 29.15 -7.50
C VAL A 567 3.04 30.07 -8.20
N TYR A 568 3.12 31.32 -7.75
CA TYR A 568 4.12 32.22 -8.28
C TYR A 568 5.30 32.34 -7.32
N ARG A 569 6.48 32.53 -7.85
CA ARG A 569 7.60 32.76 -6.95
C ARG A 569 7.56 34.19 -6.42
N ALA A 570 8.26 34.42 -5.31
CA ALA A 570 8.24 35.72 -4.65
C ALA A 570 9.34 35.76 -3.60
N ALA A 571 9.38 36.89 -2.87
CA ALA A 571 10.34 37.12 -1.80
C ALA A 571 9.59 37.23 -0.48
N TYR A 572 10.08 36.55 0.55
CA TYR A 572 9.48 36.60 1.87
C TYR A 572 10.61 36.57 2.89
N GLU A 573 10.85 37.71 3.55
CA GLU A 573 11.93 38.01 4.50
C GLU A 573 13.26 38.22 3.79
N GLY A 574 13.31 38.07 2.47
CA GLY A 574 14.53 38.21 1.70
C GLY A 574 14.93 36.96 0.94
N GLU A 575 14.47 35.78 1.36
CA GLU A 575 14.72 34.56 0.61
C GLU A 575 13.71 34.46 -0.54
N GLU A 576 13.64 33.30 -1.17
CA GLU A 576 12.69 33.04 -2.25
C GLU A 576 11.67 32.02 -1.78
N VAL A 577 10.40 32.23 -2.16
CA VAL A 577 9.28 31.40 -1.71
C VAL A 577 8.31 31.22 -2.86
N ALA A 578 7.34 30.33 -2.65
CA ALA A 578 6.35 29.95 -3.66
C ALA A 578 4.95 30.30 -3.15
N VAL A 579 4.53 31.54 -3.41
CA VAL A 579 3.24 32.07 -2.97
C VAL A 579 2.13 31.37 -3.76
N LYS A 580 1.32 30.57 -3.07
CA LYS A 580 0.24 29.82 -3.71
C LYS A 580 -1.10 30.53 -3.50
N ILE A 581 -1.27 31.63 -4.25
CA ILE A 581 -2.54 32.36 -4.20
C ILE A 581 -3.63 31.53 -4.87
N PHE A 582 -4.75 31.38 -4.19
CA PHE A 582 -5.83 30.57 -4.76
C PHE A 582 -6.56 31.35 -5.84
N ASN A 583 -7.39 30.62 -6.60
CA ASN A 583 -8.22 31.25 -7.61
C ASN A 583 -9.37 32.02 -6.96
N LYS A 584 -10.08 32.80 -7.79
CA LYS A 584 -11.23 33.55 -7.30
C LYS A 584 -12.36 32.61 -6.89
N HIS A 585 -12.65 31.61 -7.71
CA HIS A 585 -13.73 30.66 -7.41
C HIS A 585 -13.15 29.46 -6.65
N THR A 586 -12.78 29.73 -5.40
CA THR A 586 -12.26 28.70 -4.51
C THR A 586 -12.82 28.92 -3.11
N SER A 587 -13.33 27.86 -2.51
CA SER A 587 -13.93 27.96 -1.19
C SER A 587 -12.86 27.88 -0.10
N LEU A 588 -13.14 28.54 1.04
CA LEU A 588 -12.29 28.48 2.22
C LEU A 588 -12.09 27.04 2.70
N ARG A 589 -13.04 26.15 2.40
CA ARG A 589 -12.95 24.75 2.81
C ARG A 589 -11.67 24.11 2.29
N LEU A 590 -11.28 24.44 1.05
CA LEU A 590 -10.05 23.88 0.50
C LEU A 590 -8.83 24.43 1.21
N LEU A 591 -8.85 25.73 1.56
CA LEU A 591 -7.78 26.31 2.36
C LEU A 591 -7.61 25.56 3.68
N ARG A 592 -8.73 25.24 4.34
CA ARG A 592 -8.62 24.52 5.60
C ARG A 592 -8.22 23.07 5.37
N GLN A 593 -8.63 22.48 4.24
CA GLN A 593 -8.28 21.11 3.93
C GLN A 593 -6.79 20.95 3.68
N GLU A 594 -6.13 22.00 3.19
CA GLU A 594 -4.68 21.96 3.09
C GLU A 594 -3.98 22.40 4.37
N LEU A 595 -4.57 23.32 5.12
CA LEU A 595 -3.99 23.80 6.37
C LEU A 595 -4.26 22.88 7.54
N VAL A 596 -4.96 21.77 7.34
CA VAL A 596 -5.05 20.74 8.37
C VAL A 596 -3.85 19.79 8.28
N VAL A 597 -3.22 19.69 7.13
CA VAL A 597 -2.02 18.87 6.96
C VAL A 597 -0.76 19.72 7.06
N LEU A 598 -0.75 20.90 6.45
CA LEU A 598 0.48 21.69 6.34
C LEU A 598 0.83 22.45 7.60
N CYS A 599 -0.03 22.51 8.61
CA CYS A 599 0.28 23.24 9.83
C CYS A 599 0.47 22.35 11.06
N HIS A 600 0.22 21.05 10.95
CA HIS A 600 0.38 20.13 12.06
C HIS A 600 1.51 19.13 11.86
N LEU A 601 1.65 18.58 10.65
CA LEU A 601 2.63 17.54 10.38
C LEU A 601 3.95 18.18 9.95
N HIS A 602 5.05 17.62 10.44
CA HIS A 602 6.38 18.13 10.15
C HIS A 602 7.32 16.95 9.93
N HIS A 603 7.87 16.85 8.71
CA HIS A 603 8.69 15.72 8.30
C HIS A 603 9.63 16.23 7.24
N PRO A 604 10.91 15.77 7.22
CA PRO A 604 11.84 16.29 6.22
C PRO A 604 11.78 15.56 4.89
N SER A 605 10.56 15.22 4.46
CA SER A 605 10.30 14.89 3.06
C SER A 605 8.93 15.41 2.65
N LEU A 606 8.39 16.37 3.40
CA LEU A 606 7.12 17.01 3.12
C LEU A 606 7.35 18.51 3.01
N ILE A 607 6.60 19.16 2.13
CA ILE A 607 6.78 20.61 1.97
C ILE A 607 6.36 21.32 3.26
N SER A 608 6.88 22.53 3.42
CA SER A 608 6.68 23.29 4.66
C SER A 608 6.00 24.62 4.38
N LEU A 609 5.34 25.14 5.40
CA LEU A 609 4.61 26.40 5.31
C LEU A 609 5.38 27.50 6.03
N LEU A 610 5.46 28.66 5.39
CA LEU A 610 6.12 29.82 5.99
C LEU A 610 5.13 30.87 6.49
N ALA A 611 3.91 30.88 5.96
CA ALA A 611 2.87 31.82 6.36
C ALA A 611 1.55 31.38 5.71
N ALA A 612 0.46 31.96 6.20
CA ALA A 612 -0.87 31.70 5.65
C ALA A 612 -1.82 32.78 6.15
N GLY A 613 -2.52 33.43 5.24
CA GLY A 613 -3.38 34.54 5.60
C GLY A 613 -4.62 34.58 4.74
N ILE A 614 -5.70 35.10 5.32
CA ILE A 614 -7.01 35.03 4.68
C ILE A 614 -7.29 36.21 3.75
N ARG A 615 -6.45 37.27 3.79
CA ARG A 615 -6.76 38.47 3.02
C ARG A 615 -6.72 38.20 1.52
N PRO A 616 -5.60 37.77 0.92
CA PRO A 616 -5.69 37.26 -0.46
C PRO A 616 -5.77 35.74 -0.57
N ARG A 617 -5.83 35.03 0.57
CA ARG A 617 -5.95 33.58 0.62
C ARG A 617 -4.77 32.83 0.00
N MET A 618 -3.55 33.24 0.37
CA MET A 618 -2.37 32.57 -0.14
C MET A 618 -1.88 31.54 0.87
N LEU A 619 -0.85 30.77 0.47
CA LEU A 619 -0.15 29.81 1.32
C LEU A 619 1.33 29.86 0.97
N VAL A 620 2.09 30.67 1.69
CA VAL A 620 3.52 30.77 1.43
C VAL A 620 4.20 29.46 1.77
N MET A 621 4.95 28.91 0.81
CA MET A 621 5.64 27.64 0.97
C MET A 621 7.06 27.76 0.43
N GLU A 622 7.96 26.96 1.00
CA GLU A 622 9.36 26.95 0.59
C GLU A 622 9.50 26.55 -0.87
N LEU A 623 10.54 27.07 -1.52
CA LEU A 623 10.71 26.93 -2.96
C LEU A 623 11.50 25.67 -3.28
N ALA A 624 11.12 25.01 -4.36
CA ALA A 624 11.85 23.85 -4.89
C ALA A 624 12.65 24.33 -6.11
N SER A 625 13.93 24.62 -5.89
CA SER A 625 14.74 25.30 -6.90
C SER A 625 14.92 24.45 -8.15
N LYS A 626 15.03 23.13 -8.00
CA LYS A 626 15.43 22.27 -9.09
C LYS A 626 14.29 21.85 -10.01
N GLY A 627 13.04 22.04 -9.60
CA GLY A 627 11.92 21.75 -10.45
C GLY A 627 11.17 20.51 -10.00
N SER A 628 9.99 20.32 -10.60
CA SER A 628 9.21 19.13 -10.34
C SER A 628 9.90 17.89 -10.93
N LEU A 629 9.34 16.72 -10.62
CA LEU A 629 9.89 15.49 -11.16
C LEU A 629 9.57 15.34 -12.65
N ASP A 630 8.40 15.83 -13.08
CA ASP A 630 8.01 15.67 -14.48
C ASP A 630 8.90 16.52 -15.36
N ARG A 631 9.06 17.81 -15.02
CA ARG A 631 9.83 18.72 -15.85
C ARG A 631 11.32 18.39 -15.81
N LEU A 632 11.72 17.41 -15.01
CA LEU A 632 13.08 16.92 -15.04
C LEU A 632 13.11 15.50 -15.61
N LEU A 633 11.94 14.92 -15.85
CA LEU A 633 11.84 13.63 -16.52
C LEU A 633 11.35 13.82 -17.95
N GLN A 634 11.41 15.05 -18.45
CA GLN A 634 11.14 15.30 -19.85
C GLN A 634 12.22 16.14 -20.52
N GLN A 635 13.19 16.67 -19.78
CA GLN A 635 14.20 17.54 -20.39
C GLN A 635 15.60 17.02 -20.04
N ASP A 636 16.05 17.17 -18.78
CA ASP A 636 17.33 16.66 -18.31
C ASP A 636 17.28 15.15 -18.04
N LYS A 637 16.94 14.40 -19.09
CA LYS A 637 16.74 12.95 -18.96
C LYS A 637 17.98 12.25 -18.41
N ALA A 638 19.16 12.71 -18.80
CA ALA A 638 20.41 12.01 -18.47
C ALA A 638 20.97 12.40 -17.10
N SER A 639 20.23 13.15 -16.29
CA SER A 639 20.65 13.43 -14.93
C SER A 639 20.13 12.44 -13.90
N LEU A 640 19.26 11.52 -14.31
CA LEU A 640 18.72 10.50 -13.41
C LEU A 640 19.64 9.29 -13.44
N THR A 641 20.56 9.22 -12.48
CA THR A 641 21.42 8.05 -12.36
C THR A 641 20.64 6.93 -11.65
N ARG A 642 21.34 5.86 -11.27
CA ARG A 642 20.69 4.81 -10.48
C ARG A 642 20.69 5.10 -8.99
N THR A 643 21.42 6.12 -8.55
CA THR A 643 21.35 6.55 -7.15
C THR A 643 20.18 7.50 -6.93
N LEU A 644 20.16 8.61 -7.68
CA LEU A 644 19.10 9.60 -7.55
C LEU A 644 17.72 8.98 -7.81
N GLN A 645 17.63 8.04 -8.75
CA GLN A 645 16.36 7.36 -9.02
C GLN A 645 15.88 6.55 -7.82
N HIS A 646 16.77 6.25 -6.88
CA HIS A 646 16.41 5.57 -5.65
C HIS A 646 16.20 6.52 -4.50
N ARG A 647 16.91 7.66 -4.47
CA ARG A 647 16.66 8.65 -3.43
C ARG A 647 15.28 9.28 -3.60
N ILE A 648 14.87 9.55 -4.85
CA ILE A 648 13.56 10.18 -5.07
C ILE A 648 12.43 9.19 -4.88
N ALA A 649 12.74 7.89 -4.75
CA ALA A 649 11.72 6.90 -4.43
C ALA A 649 11.76 6.48 -2.97
N LEU A 650 12.87 6.74 -2.28
CA LEU A 650 12.94 6.51 -0.85
C LEU A 650 12.33 7.67 -0.07
N HIS A 651 12.57 8.91 -0.51
CA HIS A 651 12.06 10.05 0.25
C HIS A 651 10.54 10.14 0.14
N VAL A 652 9.99 9.82 -1.03
CA VAL A 652 8.54 9.83 -1.19
C VAL A 652 7.90 8.70 -0.39
N ALA A 653 8.57 7.55 -0.32
CA ALA A 653 8.05 6.45 0.50
C ALA A 653 8.07 6.82 1.99
N ASP A 654 9.11 7.52 2.43
CA ASP A 654 9.14 7.98 3.83
C ASP A 654 8.05 9.01 4.09
N GLY A 655 7.82 9.91 3.12
CA GLY A 655 6.71 10.86 3.23
C GLY A 655 5.37 10.16 3.36
N LEU A 656 5.13 9.16 2.51
CA LEU A 656 3.88 8.43 2.57
C LEU A 656 3.76 7.64 3.87
N ARG A 657 4.88 7.14 4.40
CA ARG A 657 4.84 6.44 5.68
C ARG A 657 4.41 7.39 6.79
N TYR A 658 4.99 8.59 6.81
CA TYR A 658 4.62 9.55 7.85
C TYR A 658 3.17 10.02 7.67
N LEU A 659 2.72 10.15 6.43
CA LEU A 659 1.33 10.51 6.18
C LEU A 659 0.39 9.43 6.72
N HIS A 660 0.55 8.20 6.22
CA HIS A 660 -0.27 7.07 6.65
C HIS A 660 -0.12 6.75 8.13
N SER A 661 0.88 7.31 8.80
CA SER A 661 1.03 7.16 10.25
C SER A 661 0.33 8.25 11.04
N ALA A 662 -0.28 9.23 10.35
CA ALA A 662 -1.09 10.26 11.00
C ALA A 662 -2.55 10.17 10.58
N MET A 663 -2.96 9.04 10.01
CA MET A 663 -4.31 8.81 9.50
C MET A 663 -4.70 9.85 8.45
N ILE A 664 -3.85 10.02 7.44
CA ILE A 664 -4.11 10.89 6.31
C ILE A 664 -3.75 10.13 5.05
N ILE A 665 -4.60 10.24 4.02
CA ILE A 665 -4.36 9.65 2.72
C ILE A 665 -4.10 10.77 1.71
N TYR A 666 -3.11 10.57 0.85
CA TYR A 666 -2.72 11.62 -0.10
C TYR A 666 -3.65 11.66 -1.30
N ARG A 667 -3.87 10.50 -1.93
CA ARG A 667 -4.85 10.26 -3.01
C ARG A 667 -4.43 10.84 -4.36
N ASP A 668 -3.35 11.62 -4.40
CA ASP A 668 -3.02 12.35 -5.63
C ASP A 668 -1.53 12.27 -5.92
N LEU A 669 -0.93 11.09 -5.72
CA LEU A 669 0.52 10.95 -5.90
C LEU A 669 0.83 10.90 -7.39
N LYS A 670 0.84 12.08 -8.00
CA LYS A 670 1.24 12.23 -9.39
C LYS A 670 2.77 12.28 -9.46
N PRO A 671 3.33 12.33 -10.67
CA PRO A 671 4.76 12.69 -10.79
C PRO A 671 5.01 14.17 -10.98
N HIS A 672 3.99 15.01 -10.80
CA HIS A 672 4.16 16.46 -10.78
C HIS A 672 3.98 17.01 -9.37
N ASN A 673 3.75 16.13 -8.39
CA ASN A 673 3.78 16.48 -6.98
C ASN A 673 4.92 15.76 -6.26
N VAL A 674 6.07 15.62 -6.92
CA VAL A 674 7.31 15.21 -6.25
C VAL A 674 8.36 16.26 -6.64
N LEU A 675 8.52 17.27 -5.80
CA LEU A 675 9.45 18.34 -6.08
C LEU A 675 10.86 17.97 -5.63
N LEU A 676 11.83 18.44 -6.39
CA LEU A 676 13.23 18.24 -6.06
C LEU A 676 13.84 19.53 -5.56
N PHE A 677 14.90 19.40 -4.75
CA PHE A 677 15.60 20.55 -4.19
C PHE A 677 17.02 20.67 -4.71
N THR A 678 17.74 19.56 -4.82
CA THR A 678 19.12 19.56 -5.32
C THR A 678 19.40 18.22 -5.97
N LEU A 679 19.74 18.24 -7.26
CA LEU A 679 20.03 17.03 -8.00
C LEU A 679 21.31 16.33 -7.58
N TYR A 680 22.06 16.91 -6.63
CA TYR A 680 23.28 16.32 -6.09
C TYR A 680 22.96 14.97 -5.46
N PRO A 681 23.45 13.87 -6.03
CA PRO A 681 22.97 12.53 -5.61
C PRO A 681 23.18 12.21 -4.13
N ASN A 682 24.17 12.81 -3.47
CA ASN A 682 24.52 12.48 -2.10
C ASN A 682 24.16 13.66 -1.20
N ALA A 683 22.90 13.70 -0.75
CA ALA A 683 22.42 14.75 0.14
C ALA A 683 21.46 14.12 1.13
N ALA A 684 20.80 14.97 1.93
CA ALA A 684 19.91 14.50 2.99
C ALA A 684 18.44 14.75 2.71
N ILE A 685 18.10 15.81 1.96
CA ILE A 685 16.71 16.14 1.65
C ILE A 685 16.67 16.43 0.15
N ILE A 686 16.23 15.45 -0.64
CA ILE A 686 16.24 15.58 -2.09
C ILE A 686 14.84 15.81 -2.64
N ALA A 687 13.84 15.09 -2.13
CA ALA A 687 12.52 15.04 -2.76
C ALA A 687 11.43 15.20 -1.71
N LYS A 688 10.77 16.35 -1.72
CA LYS A 688 9.61 16.59 -0.87
C LYS A 688 8.33 16.31 -1.64
N ILE A 689 7.21 16.38 -0.92
CA ILE A 689 5.88 16.19 -1.50
C ILE A 689 5.05 17.43 -1.20
N ALA A 690 4.22 17.84 -2.16
CA ALA A 690 3.46 19.07 -2.04
C ALA A 690 2.18 18.92 -2.87
N ASP A 691 1.21 19.81 -2.57
CA ASP A 691 -0.15 19.88 -3.13
C ASP A 691 -1.11 18.94 -2.39
N TYR A 692 -1.19 19.07 -1.07
CA TYR A 692 -2.18 18.29 -0.30
C TYR A 692 -3.52 19.02 -0.38
N GLY A 693 -4.09 19.03 -1.58
CA GLY A 693 -5.34 19.72 -1.84
C GLY A 693 -6.57 18.86 -1.63
N ILE A 694 -6.40 17.54 -1.73
CA ILE A 694 -7.50 16.61 -1.55
C ILE A 694 -7.11 15.55 -0.53
N ALA A 695 -6.16 15.88 0.34
CA ALA A 695 -5.76 14.95 1.40
C ALA A 695 -6.79 15.00 2.52
N GLN A 696 -7.42 13.87 2.79
CA GLN A 696 -8.47 13.75 3.77
C GLN A 696 -8.08 12.73 4.83
N TYR A 697 -8.51 12.98 6.07
CA TYR A 697 -8.36 12.01 7.15
C TYR A 697 -8.90 10.65 6.72
N CYS A 698 -8.27 9.59 7.21
CA CYS A 698 -8.69 8.23 6.83
C CYS A 698 -8.40 7.29 7.99
N CYS A 699 -9.44 6.98 8.76
CA CYS A 699 -9.32 6.01 9.85
C CYS A 699 -9.35 4.59 9.26
N ARG A 700 -9.49 3.59 10.13
CA ARG A 700 -9.62 2.22 9.66
C ARG A 700 -10.94 1.96 8.93
N MET A 701 -11.87 2.91 8.93
CA MET A 701 -13.16 2.70 8.27
C MET A 701 -13.06 2.85 6.76
N GLY A 702 -12.33 3.85 6.28
CA GLY A 702 -12.12 4.05 4.86
C GLY A 702 -12.73 5.35 4.37
N ILE A 703 -12.61 5.54 3.06
CA ILE A 703 -13.07 6.73 2.36
C ILE A 703 -14.08 6.29 1.29
N LYS A 704 -15.03 7.18 0.97
CA LYS A 704 -16.06 6.85 0.00
C LYS A 704 -16.03 7.69 -1.26
N THR A 705 -15.47 8.90 -1.22
CA THR A 705 -15.38 9.72 -2.43
C THR A 705 -14.39 9.09 -3.41
N SER A 706 -14.33 9.64 -4.61
CA SER A 706 -13.46 9.12 -5.67
C SER A 706 -12.86 10.33 -6.39
N GLU A 707 -11.70 10.77 -5.92
CA GLU A 707 -10.94 11.83 -6.55
C GLU A 707 -9.58 11.28 -6.96
N GLY A 708 -9.16 11.61 -8.17
CA GLY A 708 -7.87 11.14 -8.65
C GLY A 708 -7.62 11.51 -10.10
N THR A 709 -6.40 11.94 -10.40
CA THR A 709 -6.05 12.29 -11.77
C THR A 709 -6.08 11.02 -12.62
N PRO A 710 -6.79 11.02 -13.74
CA PRO A 710 -6.95 9.79 -14.55
C PRO A 710 -5.61 9.21 -15.00
N GLY A 711 -5.31 8.00 -14.50
CA GLY A 711 -4.09 7.30 -14.83
C GLY A 711 -3.19 7.04 -13.65
N PHE A 712 -3.33 7.79 -12.55
CA PHE A 712 -2.53 7.60 -11.35
C PHE A 712 -3.41 7.21 -10.17
N ARG A 713 -4.39 6.36 -10.42
CA ARG A 713 -5.38 5.98 -9.42
C ARG A 713 -5.34 4.47 -9.19
N ALA A 714 -5.74 4.06 -7.99
CA ALA A 714 -5.92 2.66 -7.70
C ALA A 714 -7.09 2.11 -8.51
N PRO A 715 -7.09 0.79 -8.81
CA PRO A 715 -8.19 0.24 -9.60
C PRO A 715 -9.56 0.42 -8.98
N GLU A 716 -9.65 0.46 -7.65
CA GLU A 716 -10.94 0.62 -6.99
C GLU A 716 -11.36 2.08 -6.84
N VAL A 717 -10.41 3.02 -6.92
CA VAL A 717 -10.75 4.43 -6.86
C VAL A 717 -11.59 4.83 -8.07
N ALA A 718 -11.25 4.30 -9.25
CA ALA A 718 -12.03 4.58 -10.46
C ALA A 718 -13.45 4.07 -10.33
N ARG A 719 -13.62 2.81 -9.96
CA ARG A 719 -14.95 2.24 -9.68
C ARG A 719 -15.37 2.68 -8.28
N GLY A 720 -15.78 3.96 -8.19
CA GLY A 720 -16.01 4.62 -6.91
C GLY A 720 -17.09 4.04 -6.01
N ASN A 721 -17.76 2.97 -6.45
CA ASN A 721 -18.81 2.36 -5.63
C ASN A 721 -18.26 1.81 -4.32
N VAL A 722 -17.03 1.34 -4.32
CA VAL A 722 -16.46 0.68 -3.15
C VAL A 722 -15.69 1.70 -2.32
N ILE A 723 -15.47 1.37 -1.05
CA ILE A 723 -14.83 2.26 -0.09
C ILE A 723 -13.40 1.77 0.15
N TYR A 724 -12.42 2.50 -0.39
CA TYR A 724 -11.03 2.12 -0.25
C TYR A 724 -10.47 2.62 1.08
N ASN A 725 -9.18 2.39 1.30
CA ASN A 725 -8.52 2.81 2.54
C ASN A 725 -7.09 3.26 2.20
N GLN A 726 -6.26 3.39 3.24
CA GLN A 726 -4.90 3.91 3.08
C GLN A 726 -4.07 3.10 2.10
N GLN A 727 -4.34 1.80 1.98
CA GLN A 727 -3.54 0.95 1.12
C GLN A 727 -3.92 1.06 -0.35
N ALA A 728 -4.88 1.93 -0.69
CA ALA A 728 -5.15 2.29 -2.07
C ALA A 728 -4.26 3.42 -2.55
N ASP A 729 -3.26 3.80 -1.77
CA ASP A 729 -2.29 4.82 -2.13
C ASP A 729 -0.97 4.22 -2.59
N VAL A 730 -0.58 3.07 -2.03
CA VAL A 730 0.62 2.35 -2.45
C VAL A 730 0.58 2.02 -3.95
N TYR A 731 -0.61 1.92 -4.55
CA TYR A 731 -0.70 1.74 -5.99
C TYR A 731 -0.22 2.97 -6.74
N SER A 732 -0.59 4.16 -6.25
CA SER A 732 -0.08 5.40 -6.84
C SER A 732 1.43 5.48 -6.70
N PHE A 733 1.98 5.01 -5.58
CA PHE A 733 3.43 5.03 -5.41
C PHE A 733 4.11 4.04 -6.36
N GLY A 734 3.50 2.87 -6.54
CA GLY A 734 4.01 1.94 -7.54
C GLY A 734 3.99 2.52 -8.94
N LEU A 735 2.94 3.29 -9.27
CA LEU A 735 2.88 3.92 -10.57
C LEU A 735 3.95 5.00 -10.71
N LEU A 736 4.17 5.78 -9.64
CA LEU A 736 5.29 6.72 -9.61
C LEU A 736 6.62 5.98 -9.83
N LEU A 737 6.76 4.80 -9.25
CA LEU A 737 8.00 4.04 -9.39
C LEU A 737 8.17 3.51 -10.81
N TYR A 738 7.06 3.15 -11.46
CA TYR A 738 7.09 2.73 -12.86
C TYR A 738 7.35 3.90 -13.79
N ASP A 739 7.00 5.12 -13.38
CA ASP A 739 7.29 6.30 -14.17
C ASP A 739 8.66 6.89 -13.88
N ILE A 740 9.29 6.48 -12.78
CA ILE A 740 10.70 6.83 -12.53
C ILE A 740 11.63 5.82 -13.18
N LEU A 741 11.28 4.53 -13.14
CA LEU A 741 12.14 3.50 -13.71
C LEU A 741 12.32 3.66 -15.22
N THR A 742 11.29 4.14 -15.92
CA THR A 742 11.31 4.21 -17.37
C THR A 742 11.41 5.65 -17.88
N THR A 743 11.95 6.56 -17.05
CA THR A 743 12.15 7.97 -17.38
C THR A 743 10.92 8.61 -18.04
N GLY A 744 9.74 8.29 -17.51
CA GLY A 744 8.54 9.03 -17.82
C GLY A 744 7.97 8.81 -19.21
N GLY A 745 8.40 7.77 -19.91
CA GLY A 745 7.83 7.45 -21.21
C GLY A 745 6.32 7.21 -21.14
N ARG A 746 5.86 6.56 -20.07
CA ARG A 746 4.44 6.30 -19.92
C ARG A 746 3.64 7.60 -19.80
N ILE A 747 4.23 8.64 -19.18
CA ILE A 747 3.56 9.93 -19.04
C ILE A 747 3.18 10.49 -20.41
N VAL A 748 4.16 10.61 -21.31
CA VAL A 748 3.88 11.19 -22.61
C VAL A 748 3.07 10.22 -23.46
N GLU A 749 3.22 8.91 -23.23
CA GLU A 749 2.40 7.98 -24.01
C GLU A 749 0.93 8.09 -23.61
N GLY A 750 0.66 8.32 -22.33
CA GLY A 750 -0.69 8.54 -21.86
C GLY A 750 -1.23 9.91 -22.18
N LEU A 751 -0.35 10.86 -22.53
CA LEU A 751 -0.79 12.20 -22.87
C LEU A 751 -1.60 12.22 -24.16
N LYS A 752 -1.42 11.23 -25.04
CA LYS A 752 -2.09 11.21 -26.33
C LYS A 752 -3.61 11.17 -26.17
N PHE A 753 -4.12 10.18 -25.44
CA PHE A 753 -5.56 10.00 -25.29
C PHE A 753 -5.91 9.86 -23.82
N PRO A 754 -6.81 10.70 -23.28
CA PRO A 754 -7.25 10.52 -21.89
C PRO A 754 -7.89 9.17 -21.61
N ASN A 755 -8.63 8.61 -22.58
CA ASN A 755 -9.16 7.26 -22.40
C ASN A 755 -8.03 6.24 -22.32
N GLU A 756 -7.00 6.38 -23.15
CA GLU A 756 -5.85 5.50 -23.06
C GLU A 756 -5.05 5.78 -21.79
N PHE A 757 -5.12 7.01 -21.27
CA PHE A 757 -4.44 7.33 -20.01
C PHE A 757 -5.16 6.69 -18.83
N ASP A 758 -6.49 6.57 -18.89
CA ASP A 758 -7.27 6.06 -17.78
C ASP A 758 -7.53 4.57 -17.87
N GLU A 759 -7.31 3.94 -19.03
CA GLU A 759 -7.53 2.51 -19.16
C GLU A 759 -6.55 1.72 -18.31
N LEU A 760 -5.34 2.26 -18.09
CA LEU A 760 -4.32 1.55 -17.33
C LEU A 760 -4.65 1.44 -15.85
N GLU A 761 -5.53 2.31 -15.34
CA GLU A 761 -6.05 2.19 -13.98
C GLU A 761 -7.42 1.50 -13.94
N ILE A 762 -7.88 0.98 -15.07
CA ILE A 762 -9.11 0.20 -15.12
C ILE A 762 -8.80 -1.18 -15.69
N GLN A 763 -8.30 -1.21 -16.93
CA GLN A 763 -7.91 -2.48 -17.53
C GLN A 763 -6.63 -3.02 -16.89
N GLY A 764 -5.62 -2.17 -16.78
CA GLY A 764 -4.39 -2.55 -16.10
C GLY A 764 -3.53 -3.53 -16.85
N LYS A 765 -3.33 -3.32 -18.15
CA LYS A 765 -2.43 -4.15 -18.95
C LYS A 765 -1.14 -3.36 -19.16
N LEU A 766 -0.27 -3.41 -18.16
CA LEU A 766 0.98 -2.65 -18.20
C LEU A 766 2.08 -3.49 -18.83
N PRO A 767 2.84 -2.93 -19.78
CA PRO A 767 3.90 -3.71 -20.43
C PRO A 767 5.04 -4.09 -19.49
N ASP A 768 6.00 -4.85 -20.00
CA ASP A 768 7.21 -5.16 -19.25
C ASP A 768 8.19 -3.99 -19.41
N PRO A 769 8.47 -3.26 -18.33
CA PRO A 769 9.24 -2.00 -18.46
C PRO A 769 10.63 -2.18 -19.02
N VAL A 770 11.27 -3.33 -18.79
CA VAL A 770 12.61 -3.53 -19.32
C VAL A 770 12.57 -3.91 -20.80
N LYS A 771 11.46 -4.50 -21.25
CA LYS A 771 11.38 -4.98 -22.62
C LYS A 771 11.21 -3.83 -23.61
N GLU A 772 10.14 -3.05 -23.45
CA GLU A 772 9.75 -2.09 -24.47
C GLU A 772 10.38 -0.71 -24.25
N TYR A 773 10.12 -0.09 -23.10
CA TYR A 773 10.56 1.27 -22.82
C TYR A 773 12.08 1.45 -22.86
N GLY A 774 12.86 0.38 -22.84
CA GLY A 774 14.29 0.46 -23.04
C GLY A 774 15.12 0.62 -21.80
N CYS A 775 14.50 0.72 -20.63
CA CYS A 775 15.25 0.95 -19.39
C CYS A 775 16.19 -0.22 -19.10
N ALA A 776 17.34 0.11 -18.50
CA ALA A 776 18.28 -0.92 -18.09
C ALA A 776 17.68 -1.73 -16.94
N PRO A 777 17.97 -3.03 -16.87
CA PRO A 777 17.30 -3.89 -15.89
C PRO A 777 17.67 -3.52 -14.46
N TRP A 778 16.65 -3.48 -13.60
CA TRP A 778 16.82 -3.28 -12.16
C TRP A 778 16.03 -4.39 -11.46
N PRO A 779 16.63 -5.57 -11.29
CA PRO A 779 15.84 -6.77 -10.99
C PRO A 779 15.44 -6.93 -9.53
N MET A 780 15.66 -5.93 -8.68
CA MET A 780 15.16 -5.97 -7.31
C MET A 780 14.02 -4.99 -7.08
N VAL A 781 13.98 -3.90 -7.82
CA VAL A 781 12.86 -2.98 -7.73
C VAL A 781 11.70 -3.44 -8.61
N GLU A 782 11.97 -4.24 -9.65
CA GLU A 782 10.91 -4.85 -10.43
C GLU A 782 10.12 -5.89 -9.66
N LYS A 783 10.56 -6.24 -8.45
CA LYS A 783 9.78 -7.06 -7.54
C LYS A 783 8.85 -6.23 -6.66
N LEU A 784 8.96 -4.90 -6.72
CA LEU A 784 7.96 -4.00 -6.16
C LEU A 784 6.89 -3.67 -7.19
N ILE A 785 7.31 -3.11 -8.33
CA ILE A 785 6.41 -2.73 -9.43
C ILE A 785 5.52 -3.88 -9.86
N LYS A 786 5.97 -5.12 -9.68
CA LYS A 786 5.15 -6.28 -9.98
C LYS A 786 4.45 -6.83 -8.74
N GLN A 787 4.57 -6.14 -7.60
CA GLN A 787 3.89 -6.54 -6.38
C GLN A 787 2.94 -5.48 -5.86
N CYS A 788 3.38 -4.23 -5.77
CA CYS A 788 2.48 -3.15 -5.35
C CYS A 788 1.72 -2.52 -6.51
N LEU A 789 1.22 -3.35 -7.42
CA LEU A 789 0.32 -2.94 -8.49
C LEU A 789 -0.78 -3.97 -8.69
N LYS A 790 -1.05 -4.80 -7.68
CA LYS A 790 -2.00 -5.88 -7.80
C LYS A 790 -3.43 -5.34 -7.85
N GLU A 791 -4.39 -6.26 -7.89
CA GLU A 791 -5.80 -5.88 -7.92
C GLU A 791 -6.49 -6.10 -6.59
N ASN A 792 -6.06 -7.08 -5.81
CA ASN A 792 -6.58 -7.28 -4.46
C ASN A 792 -5.80 -6.38 -3.51
N PRO A 793 -6.44 -5.34 -2.96
CA PRO A 793 -5.71 -4.39 -2.10
C PRO A 793 -5.03 -5.01 -0.90
N GLN A 794 -5.54 -6.15 -0.40
CA GLN A 794 -4.96 -6.79 0.77
C GLN A 794 -3.57 -7.36 0.49
N GLU A 795 -3.21 -7.57 -0.77
CA GLU A 795 -1.94 -8.20 -1.12
C GLU A 795 -0.84 -7.20 -1.44
N ARG A 796 -1.14 -5.90 -1.46
CA ARG A 796 -0.08 -4.93 -1.64
C ARG A 796 0.74 -4.79 -0.36
N PRO A 797 2.02 -4.43 -0.48
CA PRO A 797 2.80 -4.12 0.71
C PRO A 797 2.29 -2.85 1.39
N THR A 798 2.30 -2.85 2.71
CA THR A 798 1.97 -1.64 3.43
C THR A 798 3.12 -0.63 3.29
N SER A 799 2.79 0.65 3.50
CA SER A 799 3.73 1.73 3.21
C SER A 799 5.03 1.57 4.01
N ALA A 800 4.93 1.12 5.27
CA ALA A 800 6.14 0.82 6.03
C ALA A 800 6.94 -0.30 5.38
N GLN A 801 6.26 -1.31 4.83
CA GLN A 801 6.94 -2.42 4.20
C GLN A 801 7.45 -2.11 2.80
N VAL A 802 7.07 -0.99 2.20
CA VAL A 802 7.65 -0.60 0.93
C VAL A 802 8.73 0.46 1.17
N PHE A 803 8.72 1.13 2.33
CA PHE A 803 9.89 1.89 2.75
C PHE A 803 11.01 0.95 3.18
N ASP A 804 10.65 -0.18 3.82
CA ASP A 804 11.67 -1.11 4.28
C ASP A 804 12.40 -1.78 3.12
N ILE A 805 11.66 -2.29 2.13
CA ILE A 805 12.27 -2.90 0.95
C ILE A 805 13.12 -1.90 0.19
N LEU A 806 12.79 -0.61 0.25
CA LEU A 806 13.57 0.40 -0.44
C LEU A 806 14.73 0.92 0.40
N ASN A 807 14.78 0.59 1.69
CA ASN A 807 15.91 0.98 2.54
C ASN A 807 16.93 -0.16 2.59
N SER A 808 17.42 -0.51 1.41
CA SER A 808 18.43 -1.55 1.27
C SER A 808 19.55 -1.07 0.35
N ALA A 809 20.78 -1.49 0.67
CA ALA A 809 21.89 -1.25 -0.22
C ALA A 809 21.94 -2.23 -1.38
N GLU A 810 21.30 -3.39 -1.22
CA GLU A 810 21.22 -4.38 -2.30
C GLU A 810 20.46 -3.81 -3.50
N LEU A 811 19.29 -3.23 -3.24
CA LEU A 811 18.43 -2.71 -4.30
C LEU A 811 19.15 -1.67 -5.16
N VAL A 812 19.92 -0.79 -4.53
CA VAL A 812 20.64 0.21 -5.32
C VAL A 812 21.82 -0.42 -6.05
N CYS A 813 22.01 -1.71 -5.69
CA CYS A 813 23.10 -2.54 -6.33
C CYS A 813 22.62 -3.72 -7.25
N LEU A 814 22.10 -4.89 -6.84
CA LEU A 814 21.81 -6.01 -7.78
C LEU A 814 21.50 -5.30 -9.02
N THR A 815 22.23 -5.60 -10.02
CA THR A 815 22.22 -4.75 -11.19
C THR A 815 21.62 -5.51 -12.36
N ARG A 816 21.83 -6.82 -12.40
CA ARG A 816 21.12 -7.72 -13.29
C ARG A 816 20.85 -9.01 -12.54
N ARG A 817 20.17 -9.94 -13.21
CA ARG A 817 19.89 -11.25 -12.61
C ARG A 817 19.51 -12.20 -13.73
N ILE A 818 20.24 -13.29 -13.89
CA ILE A 818 19.99 -14.24 -14.97
C ILE A 818 19.74 -15.61 -14.36
N LEU A 819 18.78 -16.35 -14.93
CA LEU A 819 18.50 -17.71 -14.52
C LEU A 819 18.71 -18.64 -15.70
N LEU A 820 19.69 -19.53 -15.58
CA LEU A 820 19.99 -20.50 -16.63
C LEU A 820 18.84 -21.52 -16.72
N PRO A 821 18.76 -22.27 -17.84
CA PRO A 821 17.69 -23.26 -17.99
C PRO A 821 17.63 -24.29 -16.85
N LYS A 822 16.53 -25.03 -16.84
CA LYS A 822 16.25 -25.95 -15.75
C LYS A 822 17.27 -27.09 -15.70
N ASN A 823 17.86 -27.29 -14.52
CA ASN A 823 18.75 -28.41 -14.21
C ASN A 823 19.93 -28.53 -15.17
N VAL A 824 20.50 -27.39 -15.55
CA VAL A 824 21.84 -27.34 -16.12
C VAL A 824 22.71 -26.50 -15.18
N ILE A 825 23.84 -27.05 -14.78
CA ILE A 825 24.58 -26.51 -13.65
C ILE A 825 25.96 -26.07 -14.13
N VAL A 826 26.48 -25.04 -13.46
CA VAL A 826 27.81 -24.50 -13.75
C VAL A 826 28.73 -24.80 -12.57
N GLU A 827 30.01 -25.02 -12.89
CA GLU A 827 31.02 -25.25 -11.87
C GLU A 827 32.29 -24.42 -12.05
N CYS A 828 32.45 -23.71 -13.16
CA CYS A 828 33.61 -22.84 -13.33
C CYS A 828 33.30 -21.76 -14.37
N MET A 829 33.56 -20.51 -14.01
CA MET A 829 33.17 -19.36 -14.82
C MET A 829 34.40 -18.54 -15.16
N VAL A 830 34.41 -17.96 -16.37
CA VAL A 830 35.48 -17.08 -16.85
C VAL A 830 34.85 -16.00 -17.71
N ALA A 831 35.16 -14.75 -17.41
CA ALA A 831 34.63 -13.63 -18.15
C ALA A 831 35.45 -13.39 -19.41
N THR A 832 35.11 -12.32 -20.14
CA THR A 832 35.81 -11.97 -21.37
C THR A 832 36.73 -10.78 -21.09
N HIS A 833 38.03 -10.97 -21.34
CA HIS A 833 38.99 -9.91 -21.09
C HIS A 833 38.89 -8.78 -22.10
N HIS A 834 38.37 -9.06 -23.30
CA HIS A 834 38.21 -8.04 -24.33
C HIS A 834 37.35 -6.89 -23.84
N ASN A 835 36.17 -7.20 -23.29
CA ASN A 835 35.22 -6.26 -22.71
C ASN A 835 34.66 -5.26 -23.71
N SER A 836 34.98 -5.40 -24.99
CA SER A 836 34.54 -4.45 -26.01
C SER A 836 33.76 -5.09 -27.16
N ARG A 837 34.05 -6.33 -27.52
CA ARG A 837 33.28 -7.00 -28.58
C ARG A 837 31.82 -7.15 -28.19
N ASN A 838 31.57 -7.72 -27.02
CA ASN A 838 30.22 -7.90 -26.48
C ASN A 838 30.36 -8.25 -25.00
N ALA A 839 29.26 -8.61 -24.37
CA ALA A 839 29.25 -9.11 -23.00
C ALA A 839 28.95 -10.61 -23.04
N SER A 840 29.98 -11.41 -23.26
CA SER A 840 29.83 -12.87 -23.35
C SER A 840 30.69 -13.52 -22.30
N ILE A 841 30.13 -14.50 -21.60
CA ILE A 841 30.80 -15.19 -20.50
C ILE A 841 30.65 -16.70 -20.67
N TRP A 842 31.74 -17.36 -21.06
CA TRP A 842 31.73 -18.81 -21.21
C TRP A 842 31.54 -19.46 -19.85
N LEU A 843 30.82 -20.57 -19.81
CA LEU A 843 30.56 -21.29 -18.57
C LEU A 843 30.87 -22.77 -18.75
N GLY A 844 31.51 -23.37 -17.74
CA GLY A 844 31.78 -24.79 -17.80
C GLY A 844 30.73 -25.63 -17.13
N CYS A 845 29.91 -26.32 -17.91
CA CYS A 845 28.85 -27.14 -17.37
C CYS A 845 29.42 -28.38 -16.68
N GLY A 846 28.62 -28.97 -15.79
CA GLY A 846 29.05 -30.15 -15.07
C GLY A 846 27.94 -31.16 -14.81
N HIS A 847 26.75 -30.89 -15.32
CA HIS A 847 25.60 -31.74 -15.00
C HIS A 847 25.72 -33.12 -15.64
N THR A 848 25.94 -33.17 -16.95
CA THR A 848 26.03 -34.43 -17.65
C THR A 848 27.36 -35.13 -17.36
N ASP A 849 27.40 -36.43 -17.65
CA ASP A 849 28.65 -37.18 -17.52
C ASP A 849 29.73 -36.61 -18.43
N ARG A 850 29.36 -36.26 -19.67
CA ARG A 850 30.27 -35.58 -20.56
C ARG A 850 30.35 -34.10 -20.16
N GLY A 851 31.24 -33.38 -20.83
CA GLY A 851 31.49 -31.98 -20.54
C GLY A 851 30.98 -31.07 -21.65
N GLN A 852 30.28 -30.03 -21.25
CA GLN A 852 29.78 -29.01 -22.16
C GLN A 852 30.48 -27.69 -21.89
N LEU A 853 30.52 -26.83 -22.90
CA LEU A 853 31.11 -25.50 -22.79
C LEU A 853 30.09 -24.46 -23.25
N SER A 854 29.25 -24.01 -22.32
CA SER A 854 28.23 -23.05 -22.69
C SER A 854 28.85 -21.67 -22.84
N PHE A 855 28.07 -20.74 -23.40
CA PHE A 855 28.52 -19.35 -23.56
C PHE A 855 27.28 -18.47 -23.41
N LEU A 856 27.04 -17.98 -22.20
CA LEU A 856 25.94 -17.05 -22.01
C LEU A 856 26.36 -15.66 -22.48
N ASP A 857 25.46 -14.99 -23.20
CA ASP A 857 25.72 -13.63 -23.64
C ASP A 857 24.88 -12.70 -22.78
N LEU A 858 25.57 -11.86 -22.00
CA LEU A 858 24.96 -11.23 -20.83
C LEU A 858 23.86 -10.25 -21.21
N ASN A 859 24.03 -9.51 -22.31
CA ASN A 859 23.03 -8.52 -22.67
C ASN A 859 21.80 -9.14 -23.34
N THR A 860 21.95 -10.31 -23.95
CA THR A 860 20.88 -10.96 -24.69
C THR A 860 20.22 -12.11 -23.93
N GLU A 861 20.91 -12.67 -22.93
CA GLU A 861 20.42 -13.75 -22.08
C GLU A 861 20.19 -15.05 -22.84
N GLY A 862 20.83 -15.21 -24.00
CA GLY A 862 20.69 -16.42 -24.79
C GLY A 862 21.69 -17.49 -24.42
N TYR A 863 21.20 -18.59 -23.85
CA TYR A 863 22.06 -19.69 -23.39
C TYR A 863 22.42 -20.56 -24.58
N THR A 864 23.53 -20.21 -25.24
CA THR A 864 23.96 -20.90 -26.45
C THR A 864 25.03 -21.95 -26.10
N SER A 865 24.57 -22.99 -25.42
CA SER A 865 25.47 -24.04 -24.95
C SER A 865 26.01 -24.86 -26.13
N GLU A 866 26.99 -25.72 -25.83
CA GLU A 866 27.59 -26.60 -26.81
C GLU A 866 28.36 -27.69 -26.08
N GLU A 867 28.51 -28.83 -26.74
CA GLU A 867 29.23 -29.99 -26.19
C GLU A 867 30.51 -30.18 -26.97
N VAL A 868 31.64 -29.85 -26.35
CA VAL A 868 32.96 -30.01 -26.97
C VAL A 868 33.87 -30.94 -26.18
N ALA A 869 33.52 -31.27 -24.94
CA ALA A 869 34.38 -32.04 -24.06
C ALA A 869 33.80 -33.43 -23.81
N ASP A 870 34.69 -34.35 -23.42
CA ASP A 870 34.31 -35.73 -23.18
C ASP A 870 34.07 -36.02 -21.70
N SER A 871 34.83 -35.40 -20.82
CA SER A 871 34.73 -35.60 -19.38
C SER A 871 34.30 -34.30 -18.71
N ARG A 872 34.12 -34.37 -17.39
CA ARG A 872 33.70 -33.21 -16.60
C ARG A 872 34.71 -32.07 -16.75
N ILE A 873 34.18 -30.85 -16.86
CA ILE A 873 35.00 -29.66 -17.03
C ILE A 873 35.20 -29.00 -15.67
N LEU A 874 36.45 -28.75 -15.31
CA LEU A 874 36.79 -28.28 -13.98
C LEU A 874 37.34 -26.85 -13.97
N CYS A 875 38.19 -26.49 -14.95
CA CYS A 875 38.79 -25.16 -14.91
C CYS A 875 38.79 -24.55 -16.30
N LEU A 876 38.78 -23.22 -16.36
CA LEU A 876 38.84 -22.50 -17.63
C LEU A 876 39.72 -21.27 -17.48
N ALA A 877 40.17 -20.74 -18.63
CA ALA A 877 41.00 -19.54 -18.63
C ALA A 877 41.02 -18.92 -20.02
N LEU A 878 41.09 -17.59 -20.07
CA LEU A 878 41.04 -16.84 -21.31
C LEU A 878 42.36 -16.13 -21.57
N VAL A 879 43.04 -16.46 -22.66
CA VAL A 879 44.29 -15.81 -23.06
C VAL A 879 43.97 -14.78 -24.13
N HIS A 880 44.13 -13.50 -23.78
CA HIS A 880 43.81 -12.38 -24.67
C HIS A 880 45.12 -11.73 -25.13
N LEU A 881 45.54 -12.05 -26.36
CA LEU A 881 46.77 -11.54 -26.97
C LEU A 881 46.38 -10.65 -28.14
N PRO A 882 46.48 -9.32 -28.02
CA PRO A 882 46.26 -8.46 -29.20
C PRO A 882 47.21 -8.76 -30.35
N VAL A 883 48.40 -9.28 -30.07
CA VAL A 883 49.31 -9.72 -31.11
C VAL A 883 48.66 -10.82 -31.94
N GLU A 884 48.54 -10.58 -33.25
CA GLU A 884 47.87 -11.42 -34.23
C GLU A 884 46.39 -11.67 -33.93
N LYS A 885 45.78 -10.89 -33.02
CA LYS A 885 44.39 -11.03 -32.61
C LYS A 885 44.06 -12.46 -32.16
N GLU A 886 44.74 -12.89 -31.10
CA GLU A 886 44.63 -14.23 -30.55
C GLU A 886 43.87 -14.16 -29.23
N SER A 887 42.55 -14.26 -29.30
CA SER A 887 41.71 -14.39 -28.12
C SER A 887 41.22 -15.82 -28.06
N TRP A 888 41.67 -16.56 -27.04
CA TRP A 888 41.45 -18.01 -27.01
C TRP A 888 41.07 -18.44 -25.62
N ILE A 889 40.16 -19.40 -25.51
CA ILE A 889 39.72 -19.95 -24.24
C ILE A 889 40.22 -21.39 -24.13
N VAL A 890 40.92 -21.69 -23.04
CA VAL A 890 41.40 -23.03 -22.80
C VAL A 890 40.68 -23.55 -21.58
N SER A 891 40.69 -24.88 -21.45
CA SER A 891 39.98 -25.52 -20.34
C SER A 891 40.80 -26.68 -19.79
N GLY A 892 40.47 -27.04 -18.56
CA GLY A 892 41.03 -28.19 -17.89
C GLY A 892 39.93 -29.15 -17.51
N THR A 893 39.98 -30.34 -18.11
CA THR A 893 39.01 -31.41 -17.91
C THR A 893 39.37 -32.24 -16.69
N GLN A 894 38.33 -32.83 -16.08
CA GLN A 894 38.57 -33.79 -15.00
C GLN A 894 39.33 -35.02 -15.50
N SER A 895 39.34 -35.29 -16.80
CA SER A 895 40.14 -36.38 -17.33
C SER A 895 41.62 -36.02 -17.41
N GLY A 896 41.93 -34.73 -17.60
CA GLY A 896 43.30 -34.28 -17.65
C GLY A 896 43.79 -33.89 -19.03
N THR A 897 42.95 -33.22 -19.82
CA THR A 897 43.34 -32.75 -21.14
C THR A 897 43.07 -31.25 -21.23
N LEU A 898 43.93 -30.55 -21.95
CA LEU A 898 43.86 -29.09 -22.08
C LEU A 898 43.25 -28.76 -23.45
N LEU A 899 41.93 -28.69 -23.50
CA LEU A 899 41.25 -28.32 -24.73
C LEU A 899 41.35 -26.82 -24.96
N VAL A 900 41.44 -26.43 -26.24
CA VAL A 900 41.65 -25.05 -26.63
C VAL A 900 40.65 -24.70 -27.72
N ILE A 901 40.02 -23.53 -27.61
CA ILE A 901 39.00 -23.07 -28.57
C ILE A 901 39.24 -21.59 -28.84
N ASN A 902 39.15 -21.19 -30.10
CA ASN A 902 39.18 -19.77 -30.45
C ASN A 902 37.77 -19.20 -30.41
N THR A 903 37.66 -17.95 -29.94
CA THR A 903 36.36 -17.28 -29.90
C THR A 903 35.78 -17.12 -31.30
N GLU A 904 36.56 -16.56 -32.23
CA GLU A 904 36.05 -16.32 -33.57
C GLU A 904 36.01 -17.59 -34.40
N ASP A 905 37.06 -18.41 -34.33
CA ASP A 905 37.11 -19.64 -35.12
C ASP A 905 36.15 -20.67 -34.54
N GLY A 906 35.20 -21.11 -35.36
CA GLY A 906 34.24 -22.11 -34.91
C GLY A 906 34.86 -23.47 -34.65
N LYS A 907 35.96 -23.79 -35.34
CA LYS A 907 36.64 -25.08 -35.19
C LYS A 907 38.14 -24.84 -35.28
N LYS A 908 38.77 -24.64 -34.12
CA LYS A 908 40.23 -24.49 -34.03
C LYS A 908 40.76 -25.25 -32.82
N ARG A 909 40.28 -26.49 -32.64
CA ARG A 909 40.55 -27.25 -31.43
C ARG A 909 41.98 -27.77 -31.43
N HIS A 910 42.91 -26.93 -30.97
CA HIS A 910 44.32 -27.32 -30.85
C HIS A 910 44.54 -27.87 -29.44
N THR A 911 44.13 -29.13 -29.25
CA THR A 911 44.28 -29.80 -27.96
C THR A 911 45.74 -29.95 -27.54
N LEU A 912 46.11 -29.27 -26.45
CA LEU A 912 47.48 -29.29 -25.97
C LEU A 912 47.84 -30.66 -25.40
N GLU A 913 49.13 -30.92 -25.29
CA GLU A 913 49.65 -32.17 -24.73
C GLU A 913 49.13 -32.38 -23.32
N LYS A 914 48.33 -33.44 -23.14
CA LYS A 914 47.66 -33.69 -21.87
C LYS A 914 48.67 -33.92 -20.74
N MET A 915 48.31 -33.43 -19.55
CA MET A 915 49.15 -33.59 -18.38
C MET A 915 49.11 -35.04 -17.89
N THR A 916 49.98 -35.34 -16.92
CA THR A 916 50.07 -36.68 -16.37
C THR A 916 48.79 -37.11 -15.67
N ASP A 917 48.05 -36.16 -15.09
CA ASP A 917 46.85 -36.46 -14.33
C ASP A 917 45.80 -35.40 -14.65
N SER A 918 44.75 -35.36 -13.84
CA SER A 918 43.65 -34.44 -14.07
C SER A 918 44.11 -32.98 -13.94
N VAL A 919 43.19 -32.06 -14.24
CA VAL A 919 43.46 -30.63 -14.17
C VAL A 919 42.67 -30.06 -13.00
N THR A 920 43.31 -29.18 -12.23
CA THR A 920 42.65 -28.56 -11.09
C THR A 920 42.50 -27.05 -11.17
N CYS A 921 43.34 -26.35 -11.95
CA CYS A 921 43.21 -24.91 -12.11
C CYS A 921 44.11 -24.45 -13.24
N LEU A 922 43.90 -23.21 -13.66
CA LEU A 922 44.71 -22.56 -14.68
C LEU A 922 44.71 -21.06 -14.44
N TYR A 923 45.73 -20.39 -14.96
CA TYR A 923 45.86 -18.95 -14.81
C TYR A 923 46.47 -18.34 -16.06
N CYS A 924 45.95 -17.18 -16.45
CA CYS A 924 46.46 -16.47 -17.62
C CYS A 924 47.37 -15.33 -17.19
N GLN A 933 54.10 -7.21 -19.99
CA GLN A 933 53.12 -8.14 -19.45
C GLN A 933 53.72 -9.53 -19.30
N LYS A 934 52.95 -10.44 -18.70
CA LYS A 934 53.37 -11.82 -18.48
C LYS A 934 52.23 -12.73 -18.94
N ASN A 935 52.37 -13.28 -20.14
CA ASN A 935 51.38 -14.22 -20.69
C ASN A 935 51.84 -15.65 -20.43
N PHE A 936 51.86 -16.00 -19.15
CA PHE A 936 52.32 -17.31 -18.70
C PHE A 936 51.13 -18.13 -18.24
N LEU A 937 51.04 -19.36 -18.73
CA LEU A 937 49.97 -20.27 -18.37
C LEU A 937 50.50 -21.26 -17.33
N LEU A 938 49.92 -21.23 -16.13
CA LEU A 938 50.36 -22.10 -15.04
C LEU A 938 49.22 -23.05 -14.72
N VAL A 939 49.39 -24.32 -15.07
CA VAL A 939 48.34 -25.32 -14.95
C VAL A 939 48.64 -26.20 -13.74
N GLY A 940 47.66 -26.33 -12.85
CA GLY A 940 47.81 -27.14 -11.66
C GLY A 940 47.06 -28.45 -11.77
N THR A 941 47.79 -29.55 -11.66
CA THR A 941 47.17 -30.87 -11.72
C THR A 941 46.82 -31.34 -10.32
N ALA A 942 46.09 -32.46 -10.24
CA ALA A 942 45.72 -33.02 -8.94
C ALA A 942 46.92 -33.52 -8.17
N ASP A 943 48.03 -33.81 -8.84
CA ASP A 943 49.27 -34.23 -8.18
C ASP A 943 50.07 -33.04 -7.67
N GLY A 944 49.77 -31.84 -8.15
CA GLY A 944 50.50 -30.66 -7.78
C GLY A 944 51.69 -30.39 -8.67
N LYS A 945 51.84 -31.16 -9.75
CA LYS A 945 52.91 -31.00 -10.73
C LYS A 945 52.56 -29.80 -11.59
N LEU A 946 52.87 -28.62 -11.06
CA LEU A 946 52.56 -27.37 -11.74
C LEU A 946 53.30 -27.30 -13.07
N ALA A 947 52.58 -26.97 -14.13
CA ALA A 947 53.13 -26.90 -15.47
C ALA A 947 53.11 -25.45 -15.95
N ILE A 948 54.05 -25.12 -16.83
CA ILE A 948 54.15 -23.78 -17.42
C ILE A 948 54.10 -23.93 -18.94
N PHE A 949 52.99 -23.49 -19.52
CA PHE A 949 52.84 -23.38 -20.96
C PHE A 949 53.24 -21.98 -21.38
N GLU A 950 52.97 -21.61 -22.62
CA GLU A 950 53.29 -20.27 -23.11
C GLU A 950 52.25 -19.84 -24.12
N ASP A 951 52.12 -18.53 -24.27
CA ASP A 951 51.13 -17.97 -25.19
C ASP A 951 51.60 -18.04 -26.64
N LYS A 952 52.89 -18.27 -26.88
CA LYS A 952 53.36 -18.43 -28.25
C LYS A 952 52.89 -19.72 -28.89
N THR A 953 52.57 -20.73 -28.08
CA THR A 953 52.09 -22.03 -28.55
C THR A 953 50.58 -22.07 -28.69
N VAL A 954 49.93 -20.92 -28.87
CA VAL A 954 48.48 -20.88 -29.03
C VAL A 954 48.05 -21.63 -30.29
N LYS A 955 48.81 -21.49 -31.38
CA LYS A 955 48.50 -22.22 -32.60
C LYS A 955 48.99 -23.66 -32.56
N LEU A 956 49.97 -23.96 -31.71
CA LEU A 956 50.51 -25.30 -31.59
C LEU A 956 49.44 -26.27 -31.11
N LYS A 957 49.31 -27.39 -31.79
CA LYS A 957 48.31 -28.42 -31.45
C LYS A 957 49.04 -29.54 -30.72
N GLY A 958 49.18 -29.37 -29.40
CA GLY A 958 49.85 -30.35 -28.58
C GLY A 958 51.32 -30.07 -28.39
N ALA A 959 51.71 -29.68 -27.17
CA ALA A 959 53.09 -29.33 -26.85
C ALA A 959 53.18 -29.12 -25.35
N ALA A 960 54.43 -29.00 -24.87
CA ALA A 960 54.71 -28.66 -23.47
C ALA A 960 55.89 -27.70 -23.47
N PRO A 961 55.63 -26.39 -23.48
CA PRO A 961 56.73 -25.42 -23.68
C PRO A 961 57.82 -25.46 -22.62
N LEU A 962 57.46 -25.48 -21.34
CA LEU A 962 58.46 -25.48 -20.28
C LEU A 962 58.27 -26.69 -19.37
N LYS A 963 59.20 -26.85 -18.43
CA LYS A 963 59.23 -28.05 -17.62
C LYS A 963 58.29 -27.94 -16.42
N ILE A 964 57.90 -29.10 -15.90
CA ILE A 964 57.02 -29.18 -14.74
C ILE A 964 57.81 -28.88 -13.48
N LEU A 965 57.34 -27.92 -12.68
CA LEU A 965 57.90 -27.64 -11.37
C LEU A 965 57.10 -28.40 -10.32
N ASN A 966 57.35 -29.71 -10.24
CA ASN A 966 56.61 -30.57 -9.32
C ASN A 966 56.95 -30.24 -7.87
N ILE A 967 55.93 -29.91 -7.07
CA ILE A 967 56.11 -29.59 -5.66
C ILE A 967 55.30 -30.54 -4.77
N GLY A 968 54.65 -31.55 -5.34
CA GLY A 968 53.88 -32.47 -4.52
C GLY A 968 53.60 -33.76 -5.24
N ASN A 969 52.88 -34.64 -4.56
CA ASN A 969 52.48 -35.95 -5.07
C ASN A 969 50.97 -35.99 -5.26
N VAL A 970 50.50 -37.14 -5.75
CA VAL A 970 49.08 -37.34 -6.07
C VAL A 970 48.17 -37.08 -4.87
N SER A 971 48.67 -37.29 -3.66
CA SER A 971 47.88 -37.01 -2.46
C SER A 971 47.60 -35.53 -2.27
N THR A 972 48.40 -34.65 -2.89
CA THR A 972 48.31 -33.21 -2.65
C THR A 972 47.60 -32.53 -3.81
N PRO A 973 46.34 -32.09 -3.66
CA PRO A 973 45.68 -31.36 -4.74
C PRO A 973 45.99 -29.87 -4.74
N LEU A 974 46.34 -29.33 -5.90
CA LEU A 974 46.83 -27.95 -6.03
C LEU A 974 45.85 -27.17 -6.90
N MET A 975 44.93 -26.43 -6.27
CA MET A 975 44.18 -25.42 -7.03
C MET A 975 43.80 -24.28 -6.08
N CYS A 976 44.71 -23.30 -5.96
CA CYS A 976 44.32 -22.00 -5.41
C CYS A 976 45.11 -20.85 -6.04
N LEU A 977 45.66 -21.04 -7.24
CA LEU A 977 46.60 -20.09 -7.82
C LEU A 977 46.04 -18.68 -7.89
N SER A 978 46.88 -17.71 -7.55
CA SER A 978 46.47 -16.31 -7.50
C SER A 978 47.69 -15.42 -7.59
N GLU A 979 47.46 -14.18 -7.99
CA GLU A 979 48.48 -13.13 -8.03
C GLU A 979 48.08 -12.02 -7.08
N SER A 980 48.84 -10.93 -7.09
CA SER A 980 48.60 -9.81 -6.20
C SER A 980 48.44 -8.53 -7.00
N THR A 981 47.78 -7.55 -6.38
CA THR A 981 47.64 -6.21 -6.93
C THR A 981 48.61 -5.22 -6.30
N ASN A 982 49.55 -5.69 -5.48
CA ASN A 982 50.52 -4.83 -4.83
C ASN A 982 51.85 -4.91 -5.57
N SER A 983 52.37 -3.75 -5.98
CA SER A 983 53.63 -3.54 -6.69
C SER A 983 53.62 -4.08 -8.12
N THR A 984 52.53 -4.72 -8.56
CA THR A 984 52.34 -5.25 -9.90
C THR A 984 53.38 -6.30 -10.29
N GLU A 985 54.19 -6.76 -9.34
CA GLU A 985 55.25 -7.73 -9.60
C GLU A 985 54.67 -9.13 -9.41
N ARG A 986 54.45 -9.84 -10.52
CA ARG A 986 53.93 -11.21 -10.48
C ARG A 986 54.81 -12.17 -9.70
N ASN A 987 56.05 -11.78 -9.37
CA ASN A 987 56.98 -12.62 -8.61
C ASN A 987 56.48 -12.97 -7.22
N VAL A 988 55.39 -12.38 -6.75
CA VAL A 988 54.84 -12.68 -5.43
C VAL A 988 53.65 -13.62 -5.54
N MET A 989 53.53 -14.35 -6.66
CA MET A 989 52.46 -15.32 -6.86
C MET A 989 52.46 -16.37 -5.76
N TRP A 990 51.29 -16.58 -5.15
CA TRP A 990 51.12 -17.47 -4.01
C TRP A 990 50.27 -18.66 -4.43
N GLY A 991 49.93 -19.51 -3.48
CA GLY A 991 49.13 -20.67 -3.77
C GLY A 991 49.32 -21.74 -2.70
N GLY A 992 48.84 -22.93 -3.02
CA GLY A 992 49.02 -24.05 -2.12
C GLY A 992 48.93 -25.41 -2.77
N CYS A 993 49.76 -26.34 -2.30
CA CYS A 993 49.77 -27.72 -2.78
C CYS A 993 49.30 -28.60 -1.63
N GLY A 994 48.08 -29.12 -1.74
CA GLY A 994 47.54 -29.90 -0.65
C GLY A 994 47.37 -29.06 0.60
N THR A 995 47.55 -29.71 1.75
CA THR A 995 47.49 -29.05 3.05
C THR A 995 48.85 -28.38 3.35
N LYS A 996 49.26 -27.51 2.42
CA LYS A 996 50.54 -26.80 2.55
C LYS A 996 50.52 -25.60 1.61
N ILE A 997 50.75 -24.41 2.17
CA ILE A 997 50.79 -23.18 1.38
C ILE A 997 52.20 -23.02 0.81
N PHE A 998 52.31 -22.34 -0.33
CA PHE A 998 53.61 -22.05 -0.90
C PHE A 998 53.49 -20.83 -1.82
N SER A 999 54.64 -20.32 -2.23
CA SER A 999 54.73 -19.22 -3.18
C SER A 999 55.80 -19.57 -4.20
N PHE A 1000 56.01 -18.66 -5.15
CA PHE A 1000 57.06 -18.79 -6.16
C PHE A 1000 57.14 -17.47 -6.91
N SER A 1001 58.07 -17.41 -7.87
CA SER A 1001 58.33 -16.21 -8.66
C SER A 1001 58.63 -16.63 -10.09
N ASN A 1002 58.96 -15.65 -10.93
CA ASN A 1002 59.29 -15.92 -12.32
C ASN A 1002 60.49 -16.85 -12.45
N ASP A 1003 61.38 -16.87 -11.46
CA ASP A 1003 62.51 -17.79 -11.44
C ASP A 1003 62.09 -19.24 -11.17
N PHE A 1004 60.80 -19.50 -10.99
CA PHE A 1004 60.24 -20.84 -10.78
C PHE A 1004 60.91 -21.56 -9.60
N THR A 1005 61.27 -20.80 -8.57
CA THR A 1005 61.82 -21.36 -7.35
C THR A 1005 60.80 -21.22 -6.22
N ILE A 1006 60.77 -22.21 -5.34
CA ILE A 1006 59.87 -22.18 -4.18
C ILE A 1006 60.50 -21.32 -3.10
N GLN A 1007 60.19 -20.02 -3.13
CA GLN A 1007 60.77 -19.09 -2.17
C GLN A 1007 60.10 -19.14 -0.80
N LYS A 1008 59.02 -19.91 -0.65
CA LYS A 1008 58.37 -20.08 0.64
C LYS A 1008 57.44 -21.27 0.59
N LEU A 1009 57.62 -22.21 1.52
CA LEU A 1009 56.72 -23.35 1.71
C LEU A 1009 56.35 -23.38 3.18
N ILE A 1010 55.08 -23.16 3.49
CA ILE A 1010 54.58 -23.03 4.85
C ILE A 1010 53.49 -24.07 5.04
N GLU A 1011 53.81 -25.16 5.75
CA GLU A 1011 52.83 -26.20 5.95
C GLU A 1011 51.76 -25.72 6.93
N THR A 1012 50.53 -26.16 6.70
CA THR A 1012 49.40 -25.77 7.54
C THR A 1012 48.79 -26.96 8.25
N ARG A 1013 49.60 -27.98 8.55
CA ARG A 1013 49.13 -29.18 9.23
C ARG A 1013 48.57 -28.87 10.62
N THR A 1014 48.94 -27.74 11.22
CA THR A 1014 48.42 -27.36 12.53
C THR A 1014 47.00 -26.82 12.41
N ALA A 1022 39.50 -28.87 14.85
CA ALA A 1022 39.22 -30.03 14.01
C ALA A 1022 39.35 -29.68 12.53
N PHE A 1023 38.88 -28.48 12.17
CA PHE A 1023 38.92 -28.01 10.79
C PHE A 1023 40.32 -27.67 10.29
N SER A 1024 41.36 -27.90 11.08
CA SER A 1024 42.72 -27.51 10.76
C SER A 1024 43.49 -28.60 10.01
N ASP A 1025 42.80 -29.58 9.45
CA ASP A 1025 43.44 -30.68 8.74
C ASP A 1025 42.84 -30.88 7.35
N SER A 1026 42.58 -29.77 6.64
CA SER A 1026 41.96 -29.82 5.34
C SER A 1026 42.83 -29.10 4.31
N ASN A 1027 42.63 -29.44 3.04
CA ASN A 1027 43.45 -28.90 1.97
C ASN A 1027 43.05 -27.46 1.65
N ILE A 1028 43.91 -26.79 0.88
CA ILE A 1028 43.71 -25.39 0.53
C ILE A 1028 42.69 -25.26 -0.59
N ILE A 1029 41.98 -24.12 -0.63
CA ILE A 1029 41.00 -23.86 -1.67
C ILE A 1029 41.31 -22.58 -2.44
N THR A 1030 41.36 -21.44 -1.73
CA THR A 1030 41.59 -20.14 -2.37
C THR A 1030 42.60 -19.34 -1.56
N VAL A 1031 43.34 -18.47 -2.25
CA VAL A 1031 44.26 -17.53 -1.62
C VAL A 1031 44.09 -16.16 -2.28
N VAL A 1032 44.16 -15.11 -1.48
CA VAL A 1032 44.21 -13.73 -1.95
C VAL A 1032 45.30 -13.01 -1.18
N VAL A 1033 46.01 -12.11 -1.86
CA VAL A 1033 47.21 -11.48 -1.31
C VAL A 1033 47.20 -10.00 -1.67
N ASP A 1034 46.90 -9.14 -0.68
CA ASP A 1034 47.08 -7.71 -0.82
C ASP A 1034 48.15 -7.18 0.13
N THR A 1035 48.00 -7.43 1.43
CA THR A 1035 49.03 -7.17 2.41
C THR A 1035 49.26 -8.36 3.35
N ALA A 1036 48.38 -9.34 3.35
CA ALA A 1036 48.52 -10.56 4.14
C ALA A 1036 48.00 -11.72 3.30
N LEU A 1037 47.82 -12.88 3.92
CA LEU A 1037 47.29 -14.04 3.24
C LEU A 1037 45.96 -14.44 3.86
N TYR A 1038 45.00 -14.81 3.03
CA TYR A 1038 43.72 -15.35 3.46
C TYR A 1038 43.57 -16.74 2.87
N ILE A 1039 43.32 -17.73 3.72
CA ILE A 1039 43.35 -19.14 3.32
C ILE A 1039 42.03 -19.79 3.72
N ALA A 1040 41.29 -20.29 2.75
CA ALA A 1040 40.10 -21.07 3.01
C ALA A 1040 40.39 -22.55 2.78
N LYS A 1041 39.71 -23.39 3.55
CA LYS A 1041 39.88 -24.84 3.45
C LYS A 1041 38.51 -25.51 3.53
N GLN A 1042 38.47 -26.77 3.06
CA GLN A 1042 37.20 -27.48 2.86
C GLN A 1042 36.40 -27.57 4.14
N ASN A 1043 35.19 -27.00 4.11
CA ASN A 1043 34.24 -27.02 5.23
C ASN A 1043 34.87 -26.42 6.49
N SER A 1044 35.28 -25.17 6.36
CA SER A 1044 35.96 -24.45 7.44
C SER A 1044 35.14 -23.25 7.88
N PRO A 1045 34.52 -23.27 9.06
CA PRO A 1045 33.92 -22.05 9.61
C PRO A 1045 34.92 -20.96 9.96
N VAL A 1046 36.22 -21.17 9.74
CA VAL A 1046 37.24 -20.14 9.95
C VAL A 1046 38.03 -19.95 8.67
N VAL A 1047 38.72 -18.81 8.59
CA VAL A 1047 39.62 -18.50 7.49
C VAL A 1047 40.97 -18.09 8.08
N GLU A 1048 41.95 -18.97 7.96
CA GLU A 1048 43.25 -18.85 8.63
C GLU A 1048 44.10 -17.77 7.97
N VAL A 1049 44.29 -16.64 8.66
CA VAL A 1049 45.04 -15.52 8.09
C VAL A 1049 46.53 -15.75 8.34
N TRP A 1050 47.37 -15.29 7.42
CA TRP A 1050 48.82 -15.40 7.55
C TRP A 1050 49.47 -14.14 7.00
N ASP A 1051 50.56 -13.72 7.64
CA ASP A 1051 51.34 -12.58 7.20
C ASP A 1051 52.52 -13.05 6.34
N LYS A 1052 52.74 -12.36 5.23
CA LYS A 1052 53.76 -12.75 4.27
C LYS A 1052 55.16 -12.31 4.67
N LYS A 1053 55.34 -11.71 5.85
CA LYS A 1053 56.64 -11.33 6.37
C LYS A 1053 57.13 -12.23 7.50
N THR A 1054 56.26 -12.55 8.45
CA THR A 1054 56.63 -13.43 9.55
C THR A 1054 56.33 -14.89 9.28
N GLU A 1055 55.49 -15.19 8.28
CA GLU A 1055 55.08 -16.56 7.94
C GLU A 1055 54.44 -17.26 9.13
N LYS A 1056 53.67 -16.49 9.92
CA LYS A 1056 52.98 -17.02 11.08
C LYS A 1056 51.51 -16.65 10.99
N LEU A 1057 50.66 -17.52 11.55
CA LEU A 1057 49.22 -17.30 11.53
C LEU A 1057 48.84 -16.23 12.55
N CYS A 1058 48.33 -15.10 12.06
CA CYS A 1058 47.99 -13.99 12.93
C CYS A 1058 46.51 -13.94 13.28
N GLY A 1059 45.62 -13.94 12.27
CA GLY A 1059 44.21 -13.81 12.55
C GLY A 1059 43.39 -15.04 12.25
N LEU A 1060 42.22 -15.13 12.89
CA LEU A 1060 41.31 -16.25 12.68
C LEU A 1060 39.92 -15.63 12.60
N ILE A 1061 39.49 -15.29 11.40
CA ILE A 1061 38.21 -14.61 11.18
C ILE A 1061 37.10 -15.66 11.18
N ASP A 1062 36.43 -15.82 12.31
CA ASP A 1062 35.37 -16.81 12.45
C ASP A 1062 34.17 -16.41 11.59
N CYS A 1063 33.71 -17.34 10.75
CA CYS A 1063 32.55 -17.11 9.90
C CYS A 1063 31.24 -17.26 10.67
N VAL A 1064 31.02 -18.43 11.29
CA VAL A 1064 29.76 -18.70 11.96
C VAL A 1064 29.51 -17.73 13.12
N HIS A 1065 30.57 -17.24 13.76
CA HIS A 1065 30.42 -16.19 14.77
C HIS A 1065 29.68 -14.98 14.21
N PHE A 1066 30.08 -14.53 13.01
CA PHE A 1066 29.37 -13.46 12.31
C PHE A 1066 27.97 -13.89 11.85
N LEU A 1067 27.83 -15.12 11.38
CA LEU A 1067 26.52 -15.64 10.99
C LEU A 1067 25.56 -15.83 12.16
N ARG A 1068 26.06 -15.86 13.39
CA ARG A 1068 25.21 -15.99 14.57
C ARG A 1068 24.23 -14.84 14.73
N GLU A 1069 24.51 -13.67 14.13
CA GLU A 1069 23.55 -12.56 14.23
C GLU A 1069 22.33 -12.79 13.35
N VAL A 1070 22.48 -13.52 12.25
CA VAL A 1070 21.35 -13.75 11.34
C VAL A 1070 20.66 -15.09 11.61
N THR A 1071 21.31 -16.01 12.31
CA THR A 1071 20.71 -17.28 12.67
C THR A 1071 20.32 -17.31 14.14
N SER A 1083 26.42 -28.15 14.07
CA SER A 1083 25.62 -28.47 12.90
C SER A 1083 25.24 -27.21 12.13
N TYR A 1084 26.22 -26.38 11.84
CA TYR A 1084 26.03 -25.12 11.13
C TYR A 1084 26.66 -25.21 9.75
N SER A 1085 25.87 -24.90 8.72
CA SER A 1085 26.36 -24.87 7.34
C SER A 1085 26.87 -23.49 6.97
N GLY A 1086 27.76 -22.95 7.79
CA GLY A 1086 28.45 -21.72 7.49
C GLY A 1086 29.77 -21.97 6.79
N ARG A 1087 29.72 -22.71 5.68
CA ARG A 1087 30.94 -23.10 4.99
C ARG A 1087 31.55 -21.89 4.29
N VAL A 1088 32.68 -22.12 3.60
CA VAL A 1088 33.32 -21.10 2.78
C VAL A 1088 33.64 -21.70 1.41
N LYS A 1089 32.75 -21.49 0.44
CA LYS A 1089 32.93 -22.07 -0.87
C LYS A 1089 33.47 -21.08 -1.90
N THR A 1090 33.71 -19.83 -1.53
CA THR A 1090 34.36 -18.91 -2.45
C THR A 1090 34.86 -17.69 -1.68
N LEU A 1091 35.78 -16.96 -2.32
CA LEU A 1091 36.45 -15.84 -1.66
C LEU A 1091 36.98 -14.89 -2.71
N CYS A 1092 36.76 -13.60 -2.50
CA CYS A 1092 37.35 -12.59 -3.38
C CYS A 1092 37.80 -11.41 -2.52
N LEU A 1093 38.67 -10.59 -3.09
CA LEU A 1093 39.20 -9.43 -2.39
C LEU A 1093 39.21 -8.23 -3.30
N GLN A 1094 38.45 -7.20 -2.94
CA GLN A 1094 38.44 -5.95 -3.67
C GLN A 1094 39.78 -5.25 -3.45
N LYS A 1095 40.07 -4.29 -4.35
CA LYS A 1095 41.38 -3.63 -4.47
C LYS A 1095 41.95 -3.21 -3.12
N ASN A 1096 41.30 -2.27 -2.44
CA ASN A 1096 41.77 -1.86 -1.12
C ASN A 1096 40.63 -1.56 -0.16
N THR A 1097 39.42 -2.06 -0.41
CA THR A 1097 38.26 -1.65 0.36
C THR A 1097 37.71 -2.74 1.27
N ALA A 1098 37.39 -3.92 0.75
CA ALA A 1098 36.73 -4.93 1.56
C ALA A 1098 36.82 -6.30 0.90
N LEU A 1099 36.57 -7.34 1.71
CA LEU A 1099 36.50 -8.72 1.27
C LEU A 1099 35.11 -9.00 0.74
N TRP A 1100 35.00 -10.05 -0.07
CA TRP A 1100 33.72 -10.68 -0.40
C TRP A 1100 33.88 -12.17 -0.10
N ILE A 1101 33.44 -12.62 1.07
CA ILE A 1101 33.59 -14.03 1.43
C ILE A 1101 32.26 -14.72 1.15
N GLY A 1102 32.25 -15.64 0.17
CA GLY A 1102 31.01 -16.29 -0.17
C GLY A 1102 30.89 -17.62 0.53
N THR A 1103 29.81 -17.75 1.30
CA THR A 1103 29.53 -18.92 2.12
C THR A 1103 28.64 -19.89 1.36
N GLY A 1104 29.01 -21.18 1.39
CA GLY A 1104 28.19 -22.24 0.82
C GLY A 1104 26.77 -22.32 1.37
N GLY A 1105 26.46 -21.61 2.46
CA GLY A 1105 25.11 -21.53 2.96
C GLY A 1105 24.27 -20.46 2.32
N GLY A 1106 24.82 -19.73 1.36
CA GLY A 1106 24.07 -18.70 0.66
C GLY A 1106 24.19 -17.30 1.22
N HIS A 1107 25.29 -16.98 1.89
CA HIS A 1107 25.52 -15.65 2.43
C HIS A 1107 26.78 -15.06 1.82
N ILE A 1108 26.78 -13.73 1.68
CA ILE A 1108 27.92 -12.99 1.16
C ILE A 1108 28.39 -12.06 2.26
N LEU A 1109 29.48 -12.45 2.93
CA LEU A 1109 30.08 -11.72 4.04
C LEU A 1109 30.88 -10.55 3.48
N LEU A 1110 30.32 -9.35 3.50
CA LEU A 1110 31.02 -8.13 3.09
C LEU A 1110 31.90 -7.66 4.24
N LEU A 1111 32.95 -8.44 4.53
CA LEU A 1111 33.85 -8.09 5.62
C LEU A 1111 34.70 -6.88 5.25
N ASP A 1112 34.82 -5.94 6.20
CA ASP A 1112 35.67 -4.78 5.97
C ASP A 1112 37.13 -5.19 6.03
N LEU A 1113 37.89 -4.78 5.00
CA LEU A 1113 39.31 -5.11 4.92
C LEU A 1113 40.14 -4.47 6.04
N SER A 1114 39.64 -3.39 6.66
CA SER A 1114 40.49 -2.58 7.54
C SER A 1114 41.07 -3.33 8.74
N THR A 1115 40.26 -3.67 9.74
CA THR A 1115 40.70 -4.63 10.75
C THR A 1115 39.74 -5.80 10.90
N ARG A 1116 38.51 -5.56 11.38
CA ARG A 1116 37.56 -6.65 11.64
C ARG A 1116 36.12 -6.32 11.34
N ARG A 1117 35.77 -5.05 11.04
CA ARG A 1117 34.37 -4.62 10.98
C ARG A 1117 33.58 -5.39 9.92
N LEU A 1118 32.32 -5.65 10.24
CA LEU A 1118 31.42 -6.31 9.30
C LEU A 1118 30.52 -5.25 8.67
N ILE A 1119 30.67 -5.05 7.35
CA ILE A 1119 29.81 -4.09 6.67
C ILE A 1119 28.38 -4.60 6.63
N ARG A 1120 28.17 -5.77 6.02
CA ARG A 1120 26.84 -6.36 5.91
C ARG A 1120 26.98 -7.81 5.46
N VAL A 1121 25.99 -8.62 5.85
CA VAL A 1121 25.85 -10.00 5.39
C VAL A 1121 24.66 -10.02 4.45
N ILE A 1122 24.82 -10.68 3.30
CA ILE A 1122 23.83 -10.60 2.23
C ILE A 1122 23.28 -11.99 1.97
N TYR A 1123 21.95 -12.11 1.92
CA TYR A 1123 21.31 -13.41 1.88
C TYR A 1123 19.94 -13.27 1.22
N ASN A 1124 19.14 -14.36 1.33
CA ASN A 1124 17.73 -14.39 0.93
C ASN A 1124 17.56 -14.21 -0.58
N PHE A 1125 18.56 -14.64 -1.35
CA PHE A 1125 18.48 -14.65 -2.80
C PHE A 1125 18.98 -15.96 -3.39
N CYS A 1126 19.75 -16.74 -2.64
CA CYS A 1126 20.40 -17.95 -3.11
C CYS A 1126 20.38 -18.99 -2.00
N ASN A 1127 20.82 -20.21 -2.33
CA ASN A 1127 20.95 -21.27 -1.35
C ASN A 1127 22.38 -21.72 -1.14
N SER A 1128 23.24 -21.58 -2.15
CA SER A 1128 24.65 -21.95 -2.05
C SER A 1128 25.39 -21.20 -3.14
N VAL A 1129 26.34 -20.35 -2.76
CA VAL A 1129 27.15 -19.61 -3.73
C VAL A 1129 28.27 -20.52 -4.22
N ARG A 1130 28.34 -20.73 -5.53
CA ARG A 1130 29.31 -21.67 -6.08
C ARG A 1130 30.64 -20.98 -6.40
N VAL A 1131 30.63 -19.99 -7.30
CA VAL A 1131 31.83 -19.26 -7.66
C VAL A 1131 31.51 -17.76 -7.63
N MET A 1132 32.54 -16.95 -7.41
CA MET A 1132 32.45 -15.50 -7.37
C MET A 1132 33.73 -14.93 -7.94
N MET A 1133 33.62 -13.82 -8.67
CA MET A 1133 34.77 -13.18 -9.29
C MET A 1133 34.36 -11.79 -9.77
N THR A 1134 35.36 -11.02 -10.17
CA THR A 1134 35.17 -9.64 -10.62
C THR A 1134 35.33 -9.59 -12.14
N ALA A 1135 34.51 -8.79 -12.80
CA ALA A 1135 34.45 -8.77 -14.25
C ALA A 1135 34.26 -7.33 -14.71
N GLN A 1136 33.86 -7.17 -15.98
CA GLN A 1136 33.64 -5.86 -16.57
C GLN A 1136 32.52 -5.97 -17.58
N LEU A 1137 31.65 -4.95 -17.61
CA LEU A 1137 30.48 -4.95 -18.48
C LEU A 1137 30.38 -3.62 -19.20
N GLY A 1138 30.22 -3.66 -20.52
CA GLY A 1138 29.99 -2.47 -21.33
C GLY A 1138 31.10 -1.45 -21.23
N SER A 1139 32.35 -1.90 -21.39
CA SER A 1139 33.57 -1.09 -21.34
C SER A 1139 33.76 -0.37 -20.01
N LEU A 1140 32.95 -0.68 -19.00
CA LEU A 1140 33.09 -0.11 -17.67
C LEU A 1140 33.28 -1.26 -16.68
N LYS A 1141 34.26 -1.11 -15.79
CA LYS A 1141 34.60 -2.15 -14.83
C LYS A 1141 33.61 -2.20 -13.68
N ASN A 1142 34.00 -2.85 -12.58
CA ASN A 1142 33.25 -2.86 -11.32
C ASN A 1142 31.89 -3.55 -11.47
N VAL A 1143 31.96 -4.85 -11.77
CA VAL A 1143 30.85 -5.78 -11.54
C VAL A 1143 31.41 -7.04 -10.88
N MET A 1144 30.57 -7.67 -10.05
CA MET A 1144 30.96 -8.81 -9.22
C MET A 1144 30.04 -9.99 -9.51
N LEU A 1145 30.41 -10.83 -10.48
CA LEU A 1145 29.57 -11.96 -10.84
C LEU A 1145 29.43 -12.93 -9.66
N VAL A 1146 28.28 -13.60 -9.59
CA VAL A 1146 28.02 -14.58 -8.53
C VAL A 1146 27.19 -15.70 -9.15
N LEU A 1147 27.63 -16.95 -8.95
CA LEU A 1147 26.95 -18.12 -9.48
C LEU A 1147 26.48 -18.98 -8.32
N GLY A 1148 25.18 -19.21 -8.23
CA GLY A 1148 24.59 -19.81 -7.05
C GLY A 1148 23.63 -20.93 -7.38
N TYR A 1149 23.43 -21.80 -6.39
CA TYR A 1149 22.50 -22.91 -6.47
C TYR A 1149 21.18 -22.51 -5.84
N ASN A 1150 20.10 -23.18 -6.28
CA ASN A 1150 18.81 -23.13 -5.59
C ASN A 1150 18.46 -24.57 -5.20
N ARG A 1151 18.95 -25.00 -4.05
CA ARG A 1151 18.71 -26.37 -3.59
C ARG A 1151 17.35 -26.50 -2.91
N LYS A 1161 15.55 -32.95 -5.71
CA LYS A 1161 16.79 -32.47 -6.30
C LYS A 1161 16.53 -31.62 -7.54
N GLU A 1162 16.09 -30.39 -7.31
CA GLU A 1162 15.79 -29.43 -8.38
C GLU A 1162 16.72 -28.23 -8.21
N ILE A 1163 17.62 -28.03 -9.17
CA ILE A 1163 18.65 -27.01 -9.10
C ILE A 1163 18.38 -25.98 -10.20
N GLN A 1164 18.24 -24.73 -9.79
CA GLN A 1164 18.07 -23.59 -10.69
C GLN A 1164 19.29 -22.68 -10.55
N SER A 1165 20.30 -22.94 -11.37
CA SER A 1165 21.55 -22.18 -11.32
C SER A 1165 21.31 -20.72 -11.67
N CYS A 1166 21.63 -19.83 -10.74
CA CYS A 1166 21.39 -18.41 -10.86
C CYS A 1166 22.70 -17.63 -10.96
N LEU A 1167 22.66 -16.52 -11.69
CA LEU A 1167 23.82 -15.66 -11.89
C LEU A 1167 23.43 -14.22 -11.57
N THR A 1168 23.75 -13.78 -10.36
CA THR A 1168 23.59 -12.37 -10.05
C THR A 1168 24.84 -11.61 -10.51
N VAL A 1169 24.68 -10.30 -10.69
CA VAL A 1169 25.80 -9.42 -11.05
C VAL A 1169 25.69 -8.18 -10.15
N TRP A 1170 26.44 -8.18 -9.06
CA TRP A 1170 26.44 -7.04 -8.16
C TRP A 1170 27.33 -5.92 -8.70
N ASP A 1171 27.14 -4.73 -8.14
CA ASP A 1171 28.01 -3.59 -8.39
C ASP A 1171 28.93 -3.43 -7.20
N ILE A 1172 30.25 -3.55 -7.42
CA ILE A 1172 31.22 -3.65 -6.31
C ILE A 1172 31.32 -2.38 -5.48
N ASN A 1173 30.57 -1.32 -5.83
CA ASN A 1173 30.40 -0.17 -4.96
C ASN A 1173 29.63 -0.49 -3.68
N LEU A 1174 29.18 -1.73 -3.52
CA LEU A 1174 28.33 -2.14 -2.40
C LEU A 1174 28.88 -1.85 -1.01
N PRO A 1175 30.16 -2.10 -0.68
CA PRO A 1175 30.62 -1.81 0.70
C PRO A 1175 30.57 -0.33 1.04
N HIS A 1176 30.96 0.55 0.12
CA HIS A 1176 30.85 1.98 0.36
C HIS A 1176 29.40 2.42 0.37
N GLU A 1177 28.53 1.64 -0.27
CA GLU A 1177 27.12 2.02 -0.33
C GLU A 1177 26.43 1.74 0.99
N VAL A 1178 26.68 0.57 1.60
CA VAL A 1178 26.01 0.26 2.86
C VAL A 1178 26.29 1.33 3.90
N GLN A 1179 27.49 1.90 3.88
CA GLN A 1179 27.83 2.99 4.78
C GLN A 1179 27.16 4.30 4.35
N ASN A 1180 27.35 4.72 3.10
CA ASN A 1180 26.78 5.98 2.66
C ASN A 1180 25.27 6.03 2.90
N LEU A 1181 24.57 4.95 2.54
CA LEU A 1181 23.13 4.86 2.76
C LEU A 1181 22.76 4.83 4.24
N GLU A 1182 23.53 4.11 5.07
CA GLU A 1182 23.19 4.07 6.49
C GLU A 1182 23.42 5.42 7.16
N LYS A 1183 24.49 6.12 6.78
CA LYS A 1183 24.72 7.46 7.29
C LYS A 1183 23.66 8.44 6.81
N HIS A 1184 23.19 8.28 5.57
CA HIS A 1184 22.12 9.14 5.07
C HIS A 1184 20.84 8.93 5.89
N ILE A 1185 20.43 7.67 6.02
CA ILE A 1185 19.22 7.36 6.78
C ILE A 1185 19.34 7.91 8.20
N GLU A 1186 20.48 7.65 8.86
CA GLU A 1186 20.61 8.08 10.25
C GLU A 1186 20.62 9.60 10.34
N VAL A 1187 21.03 10.30 9.28
CA VAL A 1187 20.99 11.76 9.28
C VAL A 1187 19.54 12.23 9.26
N ARG A 1188 18.79 11.77 8.26
CA ARG A 1188 17.45 12.33 8.15
C ARG A 1188 16.52 11.82 9.23
N LYS A 1189 16.85 10.70 9.90
CA LYS A 1189 16.03 10.29 11.04
C LYS A 1189 16.23 11.25 12.21
N GLU A 1190 17.43 11.78 12.35
CA GLU A 1190 17.69 12.83 13.32
C GLU A 1190 16.96 14.11 12.92
N LEU A 1191 16.92 14.41 11.63
CA LEU A 1191 16.18 15.59 11.17
C LEU A 1191 14.70 15.44 11.50
N ALA A 1192 14.12 14.28 11.18
CA ALA A 1192 12.72 14.01 11.47
C ALA A 1192 12.41 14.09 12.96
N GLU A 1193 13.38 13.74 13.81
CA GLU A 1193 13.11 13.80 15.24
C GLU A 1193 13.29 15.22 15.76
N LYS A 1194 14.26 15.97 15.22
CA LYS A 1194 14.42 17.35 15.64
C LYS A 1194 13.21 18.16 15.23
N MET A 1195 12.61 17.83 14.09
CA MET A 1195 11.43 18.54 13.63
C MET A 1195 10.23 18.18 14.48
N ARG A 1196 9.97 16.89 14.66
CA ARG A 1196 8.74 16.47 15.34
C ARG A 1196 8.78 16.85 16.81
N ARG A 1197 9.93 16.68 17.49
CA ARG A 1197 10.00 16.94 18.92
C ARG A 1197 9.79 18.42 19.19
N THR A 1198 10.47 19.28 18.43
CA THR A 1198 10.34 20.73 18.58
C THR A 1198 8.94 21.20 18.21
N SER A 1199 8.26 20.49 17.28
CA SER A 1199 6.92 20.89 16.86
C SER A 1199 5.92 20.85 18.01
N VAL A 1200 6.15 20.00 19.01
CA VAL A 1200 5.26 19.89 20.16
C VAL A 1200 5.23 21.18 20.98
N GLU A 1201 6.30 21.98 20.91
CA GLU A 1201 6.34 23.26 21.62
C GLU A 1201 5.54 24.34 20.90
#